data_3CO8
#
_entry.id   3CO8
#
_cell.length_a   47.397
_cell.length_b   99.639
_cell.length_c   84.670
_cell.angle_alpha   90.00
_cell.angle_beta   103.26
_cell.angle_gamma   90.00
#
_symmetry.space_group_name_H-M   'P 1 21 1'
#
loop_
_entity.id
_entity.type
_entity.pdbx_description
1 polymer 'Alanine racemase'
2 non-polymer "PYRIDOXAL-5'-PHOSPHATE"
3 water water
#
_entity_poly.entity_id   1
_entity_poly.type   'polypeptide(L)'
_entity_poly.pdbx_seq_one_letter_code
;(MSE)SLEAIHRSTRIEFSKSSLAYNVQYTKQVSGAKTLWLAVKSNAYGHGLLQVSKIARECGVDGLAVSVLDEGIAIRQ
AGIDDFILILGPIDVKYAPIASKYHFLTTVSSLDWLKSADKILGKEKLSVNLAVDTG(MSE)NRIGVRSKKDLKDEIEFL
QEHSDHFSYDGIFTHFASSDNPDDHYFQRQKNRWYELIDGLI(MSE)PRYVHV(MSE)NSGAA(MSE)YHSKELPGCNSI
ARVGTVVYGVEPSEGVLGPIDKLKPVFELKSALTFVKKIPAGEGISYGSKFVTSRDTWIGTLPIGYGDGWLAEYQDFQLL
IDGQKCRQVGQIA(MSE)DQ(MSE)(MSE)VALPHEYPIGTEVTLIGKSGKYENTLYDLHKHSGVPPWKITVAFSDRLKR
(MSE)VVDEGHHHHHH
;
_entity_poly.pdbx_strand_id   A,B
#
loop_
_chem_comp.id
_chem_comp.type
_chem_comp.name
_chem_comp.formula
PLP non-polymer PYRIDOXAL-5'-PHOSPHATE 'C8 H10 N O6 P'
#
# COMPACT_ATOMS: atom_id res chain seq x y z
N LEU A 3 7.67 9.20 2.27
CA LEU A 3 7.84 7.80 1.78
C LEU A 3 7.78 7.70 0.26
N GLU A 4 7.50 8.82 -0.41
CA GLU A 4 7.40 8.88 -1.87
C GLU A 4 8.75 8.73 -2.59
N ALA A 5 8.84 7.75 -3.48
CA ALA A 5 10.08 7.50 -4.23
C ALA A 5 10.21 8.41 -5.47
N ILE A 6 10.53 9.68 -5.19
CA ILE A 6 10.66 10.71 -6.22
C ILE A 6 11.84 10.55 -7.20
N HIS A 7 12.88 9.85 -6.77
CA HIS A 7 14.07 9.62 -7.59
C HIS A 7 13.95 8.38 -8.49
N ARG A 8 12.84 7.66 -8.35
CA ARG A 8 12.57 6.45 -9.13
C ARG A 8 11.60 6.80 -10.26
N SER A 9 11.73 6.11 -11.38
CA SER A 9 10.90 6.34 -12.57
C SER A 9 9.42 5.98 -12.40
N THR A 10 9.16 4.90 -11.67
CA THR A 10 7.80 4.39 -11.43
C THR A 10 6.86 5.48 -10.94
N ARG A 11 5.81 5.71 -11.73
CA ARG A 11 4.87 6.80 -11.47
C ARG A 11 3.43 6.62 -11.92
N ILE A 12 2.55 7.32 -11.20
CA ILE A 12 1.13 7.40 -11.53
C ILE A 12 1.04 8.80 -12.12
N GLU A 13 0.61 8.90 -13.38
CA GLU A 13 0.44 10.17 -14.07
C GLU A 13 -1.05 10.45 -14.14
N PHE A 14 -1.52 11.34 -13.27
CA PHE A 14 -2.94 11.70 -13.19
C PHE A 14 -3.34 12.75 -14.23
N SER A 15 -4.43 12.47 -14.95
CA SER A 15 -4.94 13.37 -15.98
C SER A 15 -6.05 14.27 -15.46
N LYS A 16 -5.75 15.56 -15.43
CA LYS A 16 -6.66 16.60 -14.99
C LYS A 16 -7.85 16.73 -15.95
N SER A 17 -7.55 16.70 -17.25
CA SER A 17 -8.57 16.82 -18.29
C SER A 17 -9.58 15.67 -18.26
N SER A 18 -9.09 14.47 -17.95
CA SER A 18 -9.96 13.28 -17.88
C SER A 18 -10.89 13.35 -16.67
N LEU A 19 -10.38 13.86 -15.55
CA LEU A 19 -11.18 14.03 -14.33
C LEU A 19 -12.30 15.05 -14.61
N ALA A 20 -11.97 16.16 -15.27
CA ALA A 20 -12.93 17.21 -15.61
C ALA A 20 -14.04 16.68 -16.53
N TYR A 21 -13.63 15.83 -17.49
CA TYR A 21 -14.56 15.22 -18.43
C TYR A 21 -15.55 14.32 -17.70
N ASN A 22 -15.03 13.47 -16.80
CA ASN A 22 -15.87 12.54 -16.05
C ASN A 22 -16.86 13.23 -15.11
N VAL A 23 -16.45 14.38 -14.54
CA VAL A 23 -17.30 15.16 -13.63
C VAL A 23 -18.48 15.72 -14.44
N GLN A 24 -18.18 16.30 -15.60
CA GLN A 24 -19.18 16.89 -16.49
C GLN A 24 -20.15 15.81 -17.00
N TYR A 25 -19.59 14.65 -17.36
CA TYR A 25 -20.37 13.52 -17.87
C TYR A 25 -21.31 12.95 -16.79
N THR A 26 -20.80 12.85 -15.56
CA THR A 26 -21.58 12.33 -14.42
C THR A 26 -22.74 13.27 -14.11
N LYS A 27 -22.48 14.59 -14.16
CA LYS A 27 -23.50 15.61 -13.93
C LYS A 27 -24.60 15.55 -15.00
N GLN A 28 -24.18 15.32 -16.25
CA GLN A 28 -25.10 15.24 -17.39
C GLN A 28 -26.03 14.02 -17.32
N VAL A 29 -25.45 12.84 -17.13
CA VAL A 29 -26.20 11.57 -17.07
C VAL A 29 -27.15 11.52 -15.87
N SER A 30 -26.64 11.93 -14.70
CA SER A 30 -27.43 11.93 -13.48
C SER A 30 -28.43 13.07 -13.37
N GLY A 31 -28.09 14.20 -13.98
CA GLY A 31 -28.94 15.38 -13.93
C GLY A 31 -28.60 16.23 -12.70
N ALA A 32 -27.60 15.78 -11.93
CA ALA A 32 -27.17 16.48 -10.71
C ALA A 32 -26.45 17.77 -11.06
N LYS A 33 -26.79 18.84 -10.34
CA LYS A 33 -26.17 20.14 -10.57
C LYS A 33 -24.98 20.34 -9.62
N THR A 34 -24.90 19.50 -8.59
CA THR A 34 -23.83 19.53 -7.60
C THR A 34 -23.14 18.18 -7.54
N LEU A 35 -21.81 18.18 -7.57
CA LEU A 35 -21.06 16.94 -7.49
C LEU A 35 -20.02 17.01 -6.38
N TRP A 36 -20.06 16.00 -5.52
CA TRP A 36 -19.12 15.87 -4.42
C TRP A 36 -18.26 14.65 -4.70
N LEU A 37 -16.96 14.85 -4.73
CA LEU A 37 -16.02 13.76 -5.01
C LEU A 37 -15.54 13.06 -3.75
N ALA A 38 -15.71 11.73 -3.74
CA ALA A 38 -15.27 10.89 -2.63
C ALA A 38 -13.76 10.76 -2.77
N VAL A 39 -13.04 11.33 -1.80
CA VAL A 39 -11.58 11.29 -1.80
C VAL A 39 -10.99 10.45 -0.67
N LYS A 40 -11.78 9.51 -0.14
CA LYS A 40 -11.33 8.64 0.93
C LYS A 40 -10.26 7.66 0.44
N SER A 41 -9.45 7.18 1.37
CA SER A 41 -8.36 6.22 1.12
C SER A 41 -7.37 6.73 0.07
N ASN A 42 -6.80 7.90 0.33
CA ASN A 42 -5.83 8.57 -0.54
C ASN A 42 -6.42 8.80 -1.95
N ALA A 43 -7.68 9.26 -1.98
CA ALA A 43 -8.44 9.50 -3.22
C ALA A 43 -8.54 8.27 -4.10
N TYR A 44 -8.91 7.14 -3.48
CA TYR A 44 -9.02 5.83 -4.13
C TYR A 44 -7.66 5.42 -4.69
N GLY A 45 -6.60 5.90 -4.03
CA GLY A 45 -5.23 5.63 -4.44
C GLY A 45 -4.62 6.60 -5.42
N HIS A 46 -5.40 7.57 -5.91
CA HIS A 46 -4.89 8.55 -6.87
C HIS A 46 -4.10 9.71 -6.24
N GLY A 47 -4.20 9.83 -4.92
CA GLY A 47 -3.50 10.87 -4.18
C GLY A 47 -4.44 11.91 -3.59
N LEU A 48 -4.67 11.85 -2.29
CA LEU A 48 -5.57 12.78 -1.55
C LEU A 48 -5.33 14.26 -1.85
N LEU A 49 -4.13 14.74 -1.57
CA LEU A 49 -3.79 16.15 -1.78
C LEU A 49 -3.68 16.56 -3.24
N GLN A 50 -3.19 15.63 -4.07
CA GLN A 50 -3.02 15.85 -5.51
C GLN A 50 -4.36 16.08 -6.22
N VAL A 51 -5.32 15.22 -5.90
CA VAL A 51 -6.66 15.30 -6.48
C VAL A 51 -7.45 16.46 -5.88
N SER A 52 -7.32 16.67 -4.56
CA SER A 52 -8.03 17.75 -3.87
C SER A 52 -7.66 19.14 -4.35
N LYS A 53 -6.38 19.31 -4.71
CA LYS A 53 -5.84 20.58 -5.21
C LYS A 53 -6.45 21.02 -6.55
N ILE A 54 -6.69 20.05 -7.44
CA ILE A 54 -7.23 20.34 -8.76
C ILE A 54 -8.73 20.08 -8.90
N ALA A 55 -9.35 19.59 -7.84
CA ALA A 55 -10.78 19.25 -7.83
C ALA A 55 -11.76 20.33 -8.28
N ARG A 56 -11.70 21.52 -7.68
CA ARG A 56 -12.63 22.59 -8.04
C ARG A 56 -12.45 23.10 -9.47
N GLU A 57 -11.19 23.11 -9.94
CA GLU A 57 -10.86 23.55 -11.29
C GLU A 57 -11.45 22.55 -12.30
N CYS A 58 -11.66 21.33 -11.83
CA CYS A 58 -12.22 20.24 -12.64
C CYS A 58 -13.74 20.13 -12.52
N GLY A 59 -14.35 21.11 -11.85
CA GLY A 59 -15.80 21.14 -11.68
C GLY A 59 -16.39 20.49 -10.44
N VAL A 60 -15.55 20.02 -9.52
CA VAL A 60 -16.03 19.38 -8.28
C VAL A 60 -16.49 20.47 -7.31
N ASP A 61 -17.68 20.30 -6.75
CA ASP A 61 -18.28 21.27 -5.83
C ASP A 61 -17.98 21.04 -4.36
N GLY A 62 -17.47 19.85 -4.04
CA GLY A 62 -17.12 19.52 -2.66
C GLY A 62 -16.34 18.24 -2.56
N LEU A 63 -15.60 18.09 -1.47
CA LEU A 63 -14.77 16.92 -1.24
C LEU A 63 -15.35 16.08 -0.10
N ALA A 64 -15.52 14.79 -0.36
CA ALA A 64 -16.06 13.87 0.64
C ALA A 64 -14.98 12.97 1.19
N VAL A 65 -14.73 13.10 2.49
CA VAL A 65 -13.73 12.28 3.18
C VAL A 65 -14.42 11.32 4.15
N SER A 66 -13.68 10.33 4.65
CA SER A 66 -14.25 9.38 5.61
C SER A 66 -13.98 9.77 7.05
N VAL A 67 -12.74 10.17 7.33
CA VAL A 67 -12.34 10.55 8.69
C VAL A 67 -11.89 11.99 8.81
N LEU A 68 -11.85 12.47 10.06
CA LEU A 68 -11.44 13.84 10.39
C LEU A 68 -10.04 14.20 9.88
N ASP A 69 -9.09 13.28 10.04
CA ASP A 69 -7.69 13.49 9.62
C ASP A 69 -7.49 13.81 8.15
N GLU A 70 -8.32 13.20 7.29
CA GLU A 70 -8.26 13.43 5.84
C GLU A 70 -8.73 14.84 5.51
N GLY A 71 -9.77 15.31 6.23
CA GLY A 71 -10.29 16.65 6.04
C GLY A 71 -9.27 17.68 6.54
N ILE A 72 -8.62 17.38 7.66
CA ILE A 72 -7.60 18.27 8.23
C ILE A 72 -6.39 18.36 7.30
N ALA A 73 -6.04 17.23 6.66
CA ALA A 73 -4.92 17.17 5.72
C ALA A 73 -5.14 18.09 4.52
N ILE A 74 -6.39 18.12 4.03
CA ILE A 74 -6.79 18.97 2.89
C ILE A 74 -6.72 20.45 3.28
N ARG A 75 -7.19 20.78 4.48
CA ARG A 75 -7.16 22.16 4.99
C ARG A 75 -5.74 22.68 5.20
N GLN A 76 -4.87 21.81 5.75
CA GLN A 76 -3.47 22.15 6.00
C GLN A 76 -2.65 22.31 4.72
N ALA A 77 -3.19 21.81 3.62
CA ALA A 77 -2.55 21.91 2.30
C ALA A 77 -2.97 23.25 1.65
N GLY A 78 -3.77 24.03 2.38
CA GLY A 78 -4.24 25.33 1.92
C GLY A 78 -5.49 25.31 1.06
N ILE A 79 -6.18 24.17 1.04
CA ILE A 79 -7.40 24.01 0.25
C ILE A 79 -8.63 24.37 1.09
N ASP A 80 -9.36 25.39 0.62
CA ASP A 80 -10.55 25.91 1.30
C ASP A 80 -11.89 25.39 0.76
N ASP A 81 -11.84 24.33 -0.06
CA ASP A 81 -13.04 23.72 -0.66
C ASP A 81 -14.02 23.20 0.38
N PHE A 82 -15.28 23.06 -0.04
CA PHE A 82 -16.34 22.51 0.80
C PHE A 82 -15.95 21.05 1.08
N ILE A 83 -15.95 20.70 2.37
CA ILE A 83 -15.59 19.34 2.79
C ILE A 83 -16.63 18.72 3.71
N LEU A 84 -16.96 17.46 3.44
CA LEU A 84 -17.88 16.71 4.28
C LEU A 84 -17.20 15.44 4.75
N ILE A 85 -17.45 15.10 6.02
CA ILE A 85 -16.92 13.88 6.63
C ILE A 85 -18.10 12.93 6.61
N LEU A 86 -17.94 11.79 5.94
CA LEU A 86 -19.00 10.79 5.81
C LEU A 86 -19.08 9.78 6.93
N GLY A 87 -17.96 9.55 7.60
CA GLY A 87 -17.93 8.62 8.71
C GLY A 87 -18.12 9.36 10.03
N PRO A 88 -18.30 8.65 11.15
CA PRO A 88 -18.49 9.34 12.43
C PRO A 88 -17.14 9.80 13.01
N ILE A 89 -17.18 10.86 13.81
CA ILE A 89 -15.97 11.36 14.47
C ILE A 89 -16.23 11.26 15.97
N ASP A 90 -15.17 11.27 16.76
CA ASP A 90 -15.30 11.23 18.22
C ASP A 90 -15.88 12.60 18.60
N VAL A 91 -16.91 12.58 19.44
CA VAL A 91 -17.63 13.78 19.88
C VAL A 91 -16.77 14.91 20.48
N LYS A 92 -15.64 14.54 21.08
CA LYS A 92 -14.72 15.52 21.69
C LYS A 92 -14.04 16.40 20.64
N TYR A 93 -14.10 15.94 19.38
CA TYR A 93 -13.52 16.66 18.24
C TYR A 93 -14.53 17.54 17.50
N ALA A 94 -15.74 17.69 18.05
CA ALA A 94 -16.78 18.54 17.45
C ALA A 94 -16.33 20.01 17.26
N PRO A 95 -15.59 20.62 18.24
CA PRO A 95 -15.16 22.02 18.02
C PRO A 95 -14.13 22.15 16.89
N ILE A 96 -13.31 21.12 16.70
CA ILE A 96 -12.27 21.09 15.65
C ILE A 96 -12.95 21.04 14.27
N ALA A 97 -13.97 20.20 14.14
CA ALA A 97 -14.74 20.04 12.90
C ALA A 97 -15.46 21.33 12.54
N SER A 98 -15.94 22.03 13.57
CA SER A 98 -16.64 23.30 13.42
C SER A 98 -15.71 24.44 12.98
N LYS A 99 -14.49 24.46 13.54
CA LYS A 99 -13.48 25.48 13.22
C LYS A 99 -13.06 25.40 11.76
N TYR A 100 -12.98 24.17 11.25
CA TYR A 100 -12.59 23.89 9.88
C TYR A 100 -13.75 23.93 8.88
N HIS A 101 -14.96 24.23 9.39
CA HIS A 101 -16.21 24.34 8.61
C HIS A 101 -16.62 23.07 7.86
N PHE A 102 -16.36 21.91 8.48
CA PHE A 102 -16.71 20.61 7.89
C PHE A 102 -18.18 20.27 8.05
N LEU A 103 -18.78 19.72 7.00
CA LEU A 103 -20.17 19.25 7.07
C LEU A 103 -19.92 17.88 7.74
N THR A 104 -20.29 17.81 9.01
CA THR A 104 -20.02 16.65 9.86
C THR A 104 -21.16 15.66 10.05
N THR A 105 -20.88 14.39 9.74
CA THR A 105 -21.84 13.31 9.91
C THR A 105 -22.06 12.93 11.36
N VAL A 106 -23.34 12.88 11.73
CA VAL A 106 -23.78 12.52 13.08
C VAL A 106 -24.79 11.38 12.92
N SER A 107 -24.67 10.38 13.80
CA SER A 107 -25.55 9.22 13.76
C SER A 107 -26.32 8.87 15.03
N SER A 108 -26.31 9.77 16.02
CA SER A 108 -27.04 9.56 17.28
C SER A 108 -27.40 10.86 18.00
N LEU A 109 -28.50 10.80 18.76
CA LEU A 109 -29.02 11.93 19.55
C LEU A 109 -28.09 12.20 20.73
N ASP A 110 -27.49 11.12 21.26
CA ASP A 110 -26.55 11.20 22.39
C ASP A 110 -25.27 11.94 22.01
N TRP A 111 -24.87 11.81 20.75
CA TRP A 111 -23.67 12.48 20.21
C TRP A 111 -23.96 13.99 20.24
N LEU A 112 -25.14 14.36 19.74
CA LEU A 112 -25.59 15.75 19.69
C LEU A 112 -25.72 16.40 21.06
N LYS A 113 -26.16 15.62 22.04
CA LYS A 113 -26.31 16.10 23.42
C LYS A 113 -24.96 16.37 24.08
N SER A 114 -23.97 15.56 23.74
CA SER A 114 -22.62 15.70 24.27
C SER A 114 -21.89 16.86 23.59
N ALA A 115 -22.19 17.07 22.31
CA ALA A 115 -21.59 18.15 21.51
C ALA A 115 -22.15 19.52 21.91
N ASP A 116 -23.43 19.55 22.29
CA ASP A 116 -24.14 20.76 22.71
C ASP A 116 -23.54 21.32 24.00
N LYS A 117 -22.94 20.45 24.79
CA LYS A 117 -22.32 20.81 26.06
C LYS A 117 -20.92 21.42 25.90
N ILE A 118 -20.24 21.14 24.78
CA ILE A 118 -18.87 21.63 24.53
C ILE A 118 -18.57 22.55 23.33
N LEU A 119 -19.61 22.98 22.61
CA LEU A 119 -19.43 23.80 21.38
C LEU A 119 -19.48 25.33 21.27
N GLY A 120 -19.69 26.08 22.36
CA GLY A 120 -19.71 27.55 22.31
C GLY A 120 -20.44 28.31 21.19
N LYS A 121 -19.73 29.26 20.60
CA LYS A 121 -20.22 30.12 19.51
C LYS A 121 -20.17 29.48 18.13
N GLU A 122 -19.44 28.39 18.12
CA GLU A 122 -19.20 27.56 16.98
C GLU A 122 -20.47 26.86 16.59
N LYS A 123 -20.82 27.00 15.32
CA LYS A 123 -22.00 26.37 14.78
C LYS A 123 -21.51 25.23 13.91
N LEU A 124 -21.73 24.01 14.39
CA LEU A 124 -21.33 22.82 13.68
C LEU A 124 -22.33 22.51 12.57
N SER A 125 -21.80 22.31 11.37
CA SER A 125 -22.59 21.96 10.21
C SER A 125 -22.85 20.46 10.32
N VAL A 126 -24.10 20.10 10.56
CA VAL A 126 -24.51 18.71 10.77
C VAL A 126 -25.14 18.01 9.55
N ASN A 127 -24.69 16.78 9.35
CA ASN A 127 -25.11 15.88 8.28
C ASN A 127 -25.67 14.63 8.96
N LEU A 128 -26.99 14.43 8.88
CA LEU A 128 -27.61 13.28 9.53
C LEU A 128 -27.59 12.00 8.71
N ALA A 129 -26.92 10.99 9.25
CA ALA A 129 -26.81 9.67 8.63
C ALA A 129 -28.05 8.86 8.90
N VAL A 130 -28.58 8.25 7.84
CA VAL A 130 -29.78 7.41 7.93
C VAL A 130 -29.42 6.02 7.42
N ASP A 131 -29.73 5.01 8.23
CA ASP A 131 -29.50 3.60 7.91
C ASP A 131 -30.78 3.05 7.27
N THR A 132 -30.69 2.75 5.96
CA THR A 132 -31.83 2.24 5.19
C THR A 132 -31.76 0.76 4.82
N GLY A 133 -30.93 0.02 5.55
CA GLY A 133 -30.78 -1.40 5.29
C GLY A 133 -29.74 -1.99 6.20
N MSE A 134 -28.53 -2.12 5.67
CA MSE A 134 -27.40 -2.66 6.42
C MSE A 134 -26.22 -1.68 6.38
O MSE A 134 -25.07 -2.07 6.20
CB MSE A 134 -26.97 -4.03 5.87
CG MSE A 134 -28.06 -5.10 5.79
SE MSE A 134 -27.39 -6.91 5.66
CE MSE A 134 -26.34 -6.75 4.05
N ASN A 135 -26.53 -0.38 6.52
CA ASN A 135 -25.51 0.67 6.51
C ASN A 135 -24.65 0.60 7.77
N ARG A 136 -23.39 1.02 7.63
CA ARG A 136 -22.41 1.01 8.71
C ARG A 136 -22.77 1.94 9.86
N ILE A 137 -23.39 3.07 9.52
CA ILE A 137 -23.81 4.08 10.50
C ILE A 137 -25.20 4.63 10.20
N GLY A 138 -25.74 5.39 11.14
CA GLY A 138 -27.04 6.01 10.96
C GLY A 138 -28.19 5.53 11.79
N VAL A 139 -29.20 6.38 11.91
CA VAL A 139 -30.43 6.08 12.67
C VAL A 139 -31.31 5.15 11.84
N ARG A 140 -31.97 4.21 12.52
CA ARG A 140 -32.82 3.21 11.86
C ARG A 140 -34.33 3.38 11.98
N SER A 141 -34.78 4.39 12.73
CA SER A 141 -36.22 4.62 12.90
C SER A 141 -36.61 6.07 12.64
N LYS A 142 -37.89 6.25 12.30
CA LYS A 142 -38.50 7.56 12.03
C LYS A 142 -38.41 8.46 13.26
N LYS A 143 -38.69 7.86 14.42
CA LYS A 143 -38.66 8.54 15.73
C LYS A 143 -37.27 9.08 16.06
N ASP A 144 -36.25 8.24 15.89
CA ASP A 144 -34.86 8.61 16.17
C ASP A 144 -34.35 9.73 15.25
N LEU A 145 -34.82 9.72 14.00
CA LEU A 145 -34.45 10.74 13.01
C LEU A 145 -35.14 12.06 13.37
N LYS A 146 -36.44 11.97 13.69
CA LYS A 146 -37.27 13.13 14.09
C LYS A 146 -36.73 13.78 15.35
N ASP A 147 -36.28 12.95 16.30
CA ASP A 147 -35.70 13.42 17.57
C ASP A 147 -34.39 14.18 17.37
N GLU A 148 -33.62 13.77 16.35
CA GLU A 148 -32.36 14.43 16.02
C GLU A 148 -32.63 15.77 15.35
N ILE A 149 -33.59 15.78 14.41
CA ILE A 149 -33.99 16.99 13.67
C ILE A 149 -34.51 18.05 14.64
N GLU A 150 -35.32 17.61 15.62
CA GLU A 150 -35.89 18.51 16.63
C GLU A 150 -34.85 19.08 17.57
N PHE A 151 -33.81 18.29 17.86
CA PHE A 151 -32.72 18.72 18.73
C PHE A 151 -31.92 19.82 18.02
N LEU A 152 -31.66 19.62 16.73
CA LEU A 152 -30.90 20.59 15.93
C LEU A 152 -31.61 21.93 15.77
N GLN A 153 -32.93 21.87 15.57
CA GLN A 153 -33.77 23.05 15.40
C GLN A 153 -33.91 23.95 16.62
N GLU A 154 -33.86 23.36 17.81
CA GLU A 154 -33.97 24.16 19.03
C GLU A 154 -32.64 24.40 19.75
N HIS A 155 -31.55 23.93 19.13
CA HIS A 155 -30.19 24.12 19.64
C HIS A 155 -29.38 24.66 18.46
N SER A 156 -30.04 25.51 17.66
CA SER A 156 -29.46 26.12 16.47
C SER A 156 -28.36 27.16 16.69
N ASP A 157 -27.92 27.29 17.95
CA ASP A 157 -26.85 28.22 18.32
C ASP A 157 -25.52 27.46 18.22
N HIS A 158 -25.61 26.13 18.32
CA HIS A 158 -24.45 25.24 18.26
C HIS A 158 -24.44 24.37 17.02
N PHE A 159 -25.60 24.25 16.35
CA PHE A 159 -25.71 23.41 15.16
C PHE A 159 -26.47 24.05 14.00
N SER A 160 -26.17 23.56 12.81
CA SER A 160 -26.83 23.98 11.59
C SER A 160 -27.20 22.69 10.87
N TYR A 161 -28.52 22.46 10.74
CA TYR A 161 -29.06 21.29 10.07
C TYR A 161 -28.88 21.52 8.57
N ASP A 162 -27.77 20.99 8.04
CA ASP A 162 -27.39 21.17 6.64
C ASP A 162 -27.49 19.96 5.72
N GLY A 163 -27.36 18.75 6.26
CA GLY A 163 -27.41 17.57 5.42
C GLY A 163 -28.13 16.37 5.98
N ILE A 164 -28.56 15.48 5.09
CA ILE A 164 -29.22 14.22 5.41
C ILE A 164 -28.86 13.25 4.28
N PHE A 165 -28.52 12.01 4.63
CA PHE A 165 -28.14 11.02 3.64
C PHE A 165 -28.29 9.58 4.04
N THR A 166 -28.12 8.73 3.04
CA THR A 166 -28.08 7.29 3.19
C THR A 166 -27.13 6.80 2.11
N HIS A 167 -26.69 5.56 2.24
CA HIS A 167 -25.78 4.99 1.27
C HIS A 167 -26.39 3.73 0.66
N PHE A 168 -26.35 3.67 -0.67
CA PHE A 168 -26.87 2.53 -1.43
C PHE A 168 -25.77 1.51 -1.72
N ALA A 169 -26.12 0.46 -2.48
CA ALA A 169 -25.21 -0.63 -2.86
C ALA A 169 -23.96 -0.23 -3.64
N PHE A 179 -31.35 -2.39 -4.23
CA PHE A 179 -31.60 -0.95 -4.34
C PHE A 179 -33.03 -0.59 -3.95
N GLN A 180 -33.98 -1.39 -4.42
CA GLN A 180 -35.42 -1.16 -4.18
C GLN A 180 -35.91 -1.07 -2.75
N ARG A 181 -35.50 -2.02 -1.91
CA ARG A 181 -35.89 -2.04 -0.49
C ARG A 181 -35.30 -0.84 0.25
N GLN A 182 -34.09 -0.46 -0.14
CA GLN A 182 -33.38 0.69 0.44
C GLN A 182 -34.02 2.02 0.05
N LYS A 183 -34.40 2.13 -1.22
CA LYS A 183 -35.03 3.35 -1.77
C LYS A 183 -36.37 3.62 -1.08
N ASN A 184 -37.19 2.58 -0.96
CA ASN A 184 -38.50 2.66 -0.33
C ASN A 184 -38.39 3.00 1.16
N ARG A 185 -37.41 2.38 1.81
CA ARG A 185 -37.14 2.59 3.24
C ARG A 185 -36.68 4.03 3.48
N TRP A 186 -35.89 4.57 2.54
CA TRP A 186 -35.39 5.94 2.63
C TRP A 186 -36.54 6.94 2.63
N TYR A 187 -37.44 6.78 1.66
CA TYR A 187 -38.60 7.67 1.53
C TYR A 187 -39.58 7.58 2.70
N GLU A 188 -39.71 6.40 3.28
CA GLU A 188 -40.61 6.19 4.42
C GLU A 188 -40.03 6.72 5.73
N LEU A 189 -38.70 6.75 5.82
CA LEU A 189 -38.02 7.26 7.01
C LEU A 189 -38.02 8.78 7.08
N ILE A 190 -37.80 9.42 5.93
CA ILE A 190 -37.75 10.89 5.84
C ILE A 190 -39.13 11.53 5.62
N ASP A 191 -40.14 10.68 5.44
CA ASP A 191 -41.53 11.09 5.21
C ASP A 191 -42.10 12.07 6.22
N GLY A 192 -42.55 13.22 5.71
CA GLY A 192 -43.15 14.27 6.52
C GLY A 192 -42.22 15.06 7.41
N LEU A 193 -40.93 14.80 7.31
CA LEU A 193 -39.93 15.50 8.13
C LEU A 193 -39.29 16.65 7.37
N ILE A 194 -38.79 17.63 8.12
CA ILE A 194 -38.15 18.83 7.57
C ILE A 194 -36.80 18.45 6.97
N MSE A 195 -36.67 18.76 5.68
CA MSE A 195 -35.46 18.49 4.91
C MSE A 195 -34.51 19.69 4.90
O MSE A 195 -34.96 20.83 4.91
CB MSE A 195 -35.83 18.08 3.47
CG MSE A 195 -36.51 16.70 3.37
SE MSE A 195 -35.40 15.20 3.94
CE MSE A 195 -36.17 14.91 5.72
N PRO A 196 -33.19 19.43 4.98
CA PRO A 196 -32.18 20.49 4.97
C PRO A 196 -31.80 20.85 3.53
N ARG A 197 -30.78 21.68 3.35
CA ARG A 197 -30.38 22.09 2.01
C ARG A 197 -29.69 21.00 1.16
N TYR A 198 -29.01 20.06 1.83
CA TYR A 198 -28.33 18.97 1.14
C TYR A 198 -28.97 17.62 1.43
N VAL A 199 -29.73 17.11 0.47
CA VAL A 199 -30.39 15.80 0.59
C VAL A 199 -29.71 14.92 -0.46
N HIS A 200 -28.61 14.28 -0.04
CA HIS A 200 -27.82 13.44 -0.94
C HIS A 200 -27.90 11.94 -0.70
N VAL A 201 -28.02 11.18 -1.79
CA VAL A 201 -28.11 9.72 -1.72
C VAL A 201 -27.38 9.03 -2.87
N MSE A 202 -27.13 9.77 -3.94
CA MSE A 202 -26.52 9.21 -5.15
C MSE A 202 -25.03 8.96 -5.24
O MSE A 202 -24.25 9.88 -5.47
CB MSE A 202 -26.94 10.00 -6.40
CG MSE A 202 -28.43 10.12 -6.64
SE MSE A 202 -28.84 10.65 -8.46
CE MSE A 202 -27.73 12.22 -8.59
N ASN A 203 -24.64 7.68 -5.11
CA ASN A 203 -23.26 7.26 -5.29
C ASN A 203 -23.15 6.93 -6.79
N SER A 204 -22.03 6.36 -7.23
CA SER A 204 -21.83 6.05 -8.66
C SER A 204 -22.92 5.23 -9.34
N GLY A 205 -23.32 4.13 -8.69
CA GLY A 205 -24.36 3.26 -9.21
C GLY A 205 -25.69 3.94 -9.33
N ALA A 206 -26.09 4.67 -8.29
CA ALA A 206 -27.38 5.38 -8.27
C ALA A 206 -27.39 6.53 -9.27
N ALA A 207 -26.26 7.21 -9.41
CA ALA A 207 -26.13 8.33 -10.34
C ALA A 207 -26.20 7.90 -11.80
N MSE A 208 -25.61 6.75 -12.09
CA MSE A 208 -25.58 6.22 -13.45
C MSE A 208 -26.81 5.44 -13.91
O MSE A 208 -27.14 5.47 -15.09
CB MSE A 208 -24.36 5.33 -13.66
CG MSE A 208 -23.01 6.01 -13.73
SE MSE A 208 -22.82 7.19 -15.23
CE MSE A 208 -22.98 8.68 -14.17
N TYR A 209 -27.47 4.74 -12.98
CA TYR A 209 -28.60 3.89 -13.34
C TYR A 209 -29.95 4.19 -12.71
N HIS A 210 -29.96 4.97 -11.63
CA HIS A 210 -31.21 5.22 -10.91
C HIS A 210 -31.59 6.68 -10.58
N SER A 211 -30.98 7.65 -11.26
CA SER A 211 -31.24 9.07 -10.98
C SER A 211 -32.68 9.57 -11.02
N LYS A 212 -33.42 9.13 -12.03
CA LYS A 212 -34.80 9.56 -12.18
C LYS A 212 -35.81 8.77 -11.31
N GLU A 213 -35.28 7.85 -10.50
CA GLU A 213 -36.07 7.03 -9.57
C GLU A 213 -35.96 7.66 -8.18
N LEU A 214 -35.17 8.74 -8.11
CA LEU A 214 -34.92 9.45 -6.86
C LEU A 214 -35.38 10.92 -6.80
N PRO A 215 -36.70 11.20 -6.98
CA PRO A 215 -37.18 12.59 -6.93
C PRO A 215 -37.00 13.27 -5.57
N GLY A 216 -36.56 14.54 -5.63
CA GLY A 216 -36.32 15.31 -4.43
C GLY A 216 -34.96 15.06 -3.81
N CYS A 217 -34.25 14.04 -4.29
CA CYS A 217 -32.92 13.70 -3.78
C CYS A 217 -31.93 13.32 -4.87
N ASN A 218 -32.10 13.90 -6.05
CA ASN A 218 -31.21 13.64 -7.19
C ASN A 218 -30.48 14.89 -7.72
N SER A 219 -30.31 15.89 -6.86
CA SER A 219 -29.62 17.12 -7.24
C SER A 219 -28.13 17.07 -6.91
N ILE A 220 -27.75 16.14 -6.04
CA ILE A 220 -26.35 15.97 -5.63
C ILE A 220 -25.84 14.56 -5.94
N ALA A 221 -24.67 14.50 -6.58
CA ALA A 221 -24.01 13.24 -6.90
C ALA A 221 -22.80 13.17 -5.96
N ARG A 222 -22.84 12.24 -5.01
CA ARG A 222 -21.77 12.01 -4.03
C ARG A 222 -21.09 10.75 -4.55
N VAL A 223 -20.16 10.97 -5.48
CA VAL A 223 -19.51 9.88 -6.20
C VAL A 223 -18.00 9.73 -6.11
N GLY A 224 -17.56 8.52 -6.42
CA GLY A 224 -16.14 8.19 -6.43
C GLY A 224 -15.80 7.48 -7.72
N THR A 225 -16.12 6.19 -7.75
CA THR A 225 -15.86 5.27 -8.86
C THR A 225 -16.00 5.81 -10.29
N VAL A 226 -17.15 6.37 -10.63
CA VAL A 226 -17.42 6.90 -11.96
C VAL A 226 -16.55 8.09 -12.37
N VAL A 227 -16.30 8.99 -11.41
CA VAL A 227 -15.48 10.17 -11.67
C VAL A 227 -14.00 9.79 -11.86
N TYR A 228 -13.61 8.65 -11.29
CA TYR A 228 -12.25 8.14 -11.46
C TYR A 228 -12.14 7.32 -12.76
N GLY A 229 -13.12 7.48 -13.65
CA GLY A 229 -13.12 6.83 -14.95
C GLY A 229 -13.48 5.36 -15.05
N VAL A 230 -14.17 4.85 -14.04
CA VAL A 230 -14.57 3.45 -14.03
C VAL A 230 -16.09 3.36 -14.07
N GLU A 231 -16.59 2.64 -15.07
CA GLU A 231 -18.03 2.41 -15.22
C GLU A 231 -18.38 1.52 -14.01
N PRO A 232 -19.35 1.93 -13.15
CA PRO A 232 -19.79 1.22 -11.93
C PRO A 232 -20.01 -0.29 -12.01
N SER A 233 -20.59 -0.76 -13.11
CA SER A 233 -20.87 -2.18 -13.32
C SER A 233 -19.89 -2.79 -14.32
N GLU A 234 -18.86 -2.02 -14.67
CA GLU A 234 -17.81 -2.41 -15.63
C GLU A 234 -18.29 -2.78 -17.03
N GLY A 235 -19.29 -2.04 -17.51
CA GLY A 235 -19.83 -2.26 -18.83
C GLY A 235 -21.06 -3.13 -18.96
N VAL A 236 -21.51 -3.69 -17.84
CA VAL A 236 -22.70 -4.54 -17.82
C VAL A 236 -23.99 -3.74 -18.02
N LEU A 237 -24.20 -2.73 -17.18
CA LEU A 237 -25.40 -1.89 -17.22
C LEU A 237 -25.22 -0.52 -17.88
N GLY A 238 -23.98 -0.17 -18.23
CA GLY A 238 -23.70 1.11 -18.86
C GLY A 238 -22.49 1.05 -19.78
N PRO A 239 -22.26 2.07 -20.63
CA PRO A 239 -21.13 2.09 -21.57
C PRO A 239 -19.74 2.50 -21.02
N ILE A 240 -18.74 1.65 -21.25
CA ILE A 240 -17.35 1.89 -20.80
C ILE A 240 -16.61 2.95 -21.62
N ASP A 241 -16.95 3.00 -22.91
CA ASP A 241 -16.32 3.91 -23.87
C ASP A 241 -16.66 5.39 -23.74
N LYS A 242 -17.54 5.72 -22.80
CA LYS A 242 -17.95 7.11 -22.58
C LYS A 242 -17.22 7.78 -21.43
N LEU A 243 -16.41 7.00 -20.71
CA LEU A 243 -15.62 7.50 -19.58
C LEU A 243 -14.14 7.47 -19.92
N LYS A 244 -13.41 8.46 -19.44
CA LYS A 244 -11.98 8.56 -19.70
C LYS A 244 -11.13 8.10 -18.51
N PRO A 245 -10.07 7.29 -18.77
CA PRO A 245 -9.20 6.82 -17.67
C PRO A 245 -8.51 8.04 -17.07
N VAL A 246 -8.44 8.12 -15.75
CA VAL A 246 -7.82 9.28 -15.11
C VAL A 246 -6.33 9.22 -14.86
N PHE A 247 -5.71 8.07 -15.14
CA PHE A 247 -4.28 7.92 -14.94
C PHE A 247 -3.64 6.84 -15.79
N GLU A 248 -2.32 6.92 -15.88
CA GLU A 248 -1.48 5.95 -16.54
C GLU A 248 -0.39 5.59 -15.53
N LEU A 249 -0.07 4.31 -15.44
CA LEU A 249 0.98 3.83 -14.54
C LEU A 249 2.16 3.43 -15.43
N LYS A 250 3.26 4.15 -15.27
CA LYS A 250 4.47 3.92 -16.06
C LYS A 250 5.70 3.66 -15.20
N SER A 251 6.72 3.07 -15.82
CA SER A 251 8.00 2.78 -15.19
C SER A 251 9.06 2.77 -16.28
N ALA A 252 10.27 2.34 -15.93
CA ALA A 252 11.37 2.28 -16.88
C ALA A 252 12.30 1.14 -16.52
N LEU A 253 12.91 0.53 -17.53
CA LEU A 253 13.83 -0.60 -17.31
C LEU A 253 15.11 -0.16 -16.60
N THR A 254 15.43 -0.87 -15.51
CA THR A 254 16.63 -0.59 -14.72
C THR A 254 17.78 -1.53 -15.04
N PHE A 255 17.47 -2.65 -15.70
CA PHE A 255 18.47 -3.64 -16.10
C PHE A 255 17.92 -4.47 -17.25
N VAL A 256 18.80 -4.76 -18.22
CA VAL A 256 18.46 -5.55 -19.41
C VAL A 256 19.57 -6.58 -19.63
N LYS A 257 19.17 -7.83 -19.92
CA LYS A 257 20.12 -8.93 -20.18
C LYS A 257 19.52 -10.01 -21.07
N LYS A 258 20.40 -10.78 -21.73
CA LYS A 258 20.00 -11.90 -22.58
C LYS A 258 20.42 -13.16 -21.85
N ILE A 259 19.44 -13.99 -21.49
CA ILE A 259 19.70 -15.23 -20.75
C ILE A 259 19.33 -16.47 -21.55
N PRO A 260 20.09 -17.59 -21.40
CA PRO A 260 19.76 -18.80 -22.15
C PRO A 260 18.56 -19.60 -21.61
N ALA A 261 18.29 -20.73 -22.27
CA ALA A 261 17.20 -21.63 -21.89
C ALA A 261 17.52 -22.31 -20.56
N GLY A 262 16.48 -22.66 -19.81
CA GLY A 262 16.66 -23.33 -18.53
C GLY A 262 16.89 -22.42 -17.33
N GLU A 263 16.72 -21.12 -17.52
CA GLU A 263 16.92 -20.14 -16.45
C GLU A 263 15.64 -19.77 -15.72
N GLY A 264 15.66 -19.94 -14.40
CA GLY A 264 14.51 -19.60 -13.58
C GLY A 264 14.54 -18.12 -13.25
N ILE A 265 13.38 -17.46 -13.32
CA ILE A 265 13.27 -16.03 -13.03
C ILE A 265 12.46 -15.76 -11.78
N SER A 266 13.07 -14.99 -10.86
CA SER A 266 12.50 -14.58 -9.57
C SER A 266 12.29 -15.70 -8.54
N TYR A 267 11.61 -15.36 -7.44
CA TYR A 267 11.34 -16.30 -6.35
C TYR A 267 10.60 -17.56 -6.75
N GLY A 268 11.18 -18.71 -6.38
CA GLY A 268 10.58 -20.01 -6.68
C GLY A 268 10.73 -20.49 -8.10
N SER A 269 11.39 -19.68 -8.96
CA SER A 269 11.62 -19.98 -10.38
C SER A 269 10.35 -20.44 -11.11
N LYS A 270 9.26 -19.69 -10.86
CA LYS A 270 7.93 -19.96 -11.42
C LYS A 270 7.85 -19.85 -12.93
N PHE A 271 8.81 -19.13 -13.51
CA PHE A 271 8.94 -18.99 -14.94
C PHE A 271 10.35 -19.45 -15.27
N VAL A 272 10.44 -20.32 -16.27
CA VAL A 272 11.72 -20.86 -16.75
C VAL A 272 11.75 -20.56 -18.26
N THR A 273 12.87 -20.00 -18.73
CA THR A 273 13.05 -19.67 -20.13
C THR A 273 13.15 -20.92 -21.02
N SER A 274 12.63 -20.81 -22.24
CA SER A 274 12.64 -21.93 -23.18
C SER A 274 13.68 -21.80 -24.29
N ARG A 275 14.26 -20.61 -24.40
CA ARG A 275 15.29 -20.29 -25.40
C ARG A 275 16.00 -19.02 -24.94
N ASP A 276 16.90 -18.50 -25.79
CA ASP A 276 17.64 -17.25 -25.53
C ASP A 276 16.58 -16.14 -25.47
N THR A 277 16.46 -15.50 -24.32
CA THR A 277 15.43 -14.48 -24.11
C THR A 277 15.94 -13.20 -23.46
N TRP A 278 15.48 -12.08 -23.99
CA TRP A 278 15.82 -10.76 -23.45
C TRP A 278 14.87 -10.47 -22.29
N ILE A 279 15.46 -10.21 -21.12
CA ILE A 279 14.72 -9.94 -19.89
C ILE A 279 15.02 -8.54 -19.33
N GLY A 280 13.96 -7.80 -19.03
CA GLY A 280 14.11 -6.47 -18.46
C GLY A 280 13.66 -6.47 -17.01
N THR A 281 14.29 -5.64 -16.19
CA THR A 281 13.93 -5.52 -14.76
C THR A 281 13.27 -4.16 -14.55
N LEU A 282 12.17 -4.17 -13.80
CA LEU A 282 11.39 -2.97 -13.50
C LEU A 282 11.38 -2.66 -12.01
N PRO A 283 11.56 -1.37 -11.64
CA PRO A 283 11.57 -0.97 -10.23
C PRO A 283 10.17 -0.74 -9.63
N ILE A 284 9.38 -1.81 -9.61
CA ILE A 284 8.03 -1.81 -9.05
C ILE A 284 7.74 -3.21 -8.55
N GLY A 285 7.07 -3.31 -7.40
CA GLY A 285 6.71 -4.59 -6.85
C GLY A 285 5.47 -4.48 -6.00
N TYR A 286 5.18 -5.50 -5.19
CA TYR A 286 3.97 -5.45 -4.34
C TYR A 286 4.03 -4.42 -3.22
N GLY A 287 5.23 -3.89 -2.97
CA GLY A 287 5.45 -2.84 -1.97
C GLY A 287 4.90 -1.51 -2.46
N ASP A 288 4.63 -1.46 -3.75
CA ASP A 288 4.07 -0.30 -4.43
C ASP A 288 2.59 -0.52 -4.70
N GLY A 289 2.11 -1.73 -4.40
CA GLY A 289 0.72 -2.04 -4.65
C GLY A 289 0.49 -2.79 -5.94
N TRP A 290 1.58 -3.20 -6.61
CA TRP A 290 1.45 -4.00 -7.83
C TRP A 290 1.45 -5.43 -7.28
N LEU A 291 0.24 -5.86 -6.91
CA LEU A 291 -0.02 -7.13 -6.26
C LEU A 291 0.43 -8.42 -6.92
N ALA A 292 0.70 -9.42 -6.08
CA ALA A 292 1.16 -10.76 -6.51
C ALA A 292 0.30 -11.39 -7.60
N GLU A 293 -1.02 -11.20 -7.51
CA GLU A 293 -1.95 -11.77 -8.49
C GLU A 293 -1.93 -11.12 -9.88
N TYR A 294 -1.13 -10.07 -10.04
CA TYR A 294 -0.99 -9.38 -11.32
C TYR A 294 0.06 -10.07 -12.18
N GLN A 295 0.71 -11.10 -11.62
CA GLN A 295 1.73 -11.88 -12.32
C GLN A 295 1.24 -12.38 -13.68
N ASP A 296 2.11 -12.28 -14.68
CA ASP A 296 1.87 -12.68 -16.07
C ASP A 296 1.07 -11.69 -16.92
N PHE A 297 0.76 -10.53 -16.34
CA PHE A 297 0.03 -9.48 -17.07
C PHE A 297 0.98 -8.96 -18.15
N GLN A 298 0.42 -8.73 -19.33
CA GLN A 298 1.20 -8.23 -20.45
C GLN A 298 1.31 -6.71 -20.40
N LEU A 299 2.53 -6.26 -20.11
CA LEU A 299 2.86 -4.84 -20.02
C LEU A 299 3.12 -4.33 -21.44
N LEU A 300 3.04 -3.01 -21.60
CA LEU A 300 3.23 -2.42 -22.91
C LEU A 300 4.55 -1.66 -23.01
N ILE A 301 5.38 -2.10 -23.96
CA ILE A 301 6.69 -1.50 -24.21
C ILE A 301 6.81 -1.25 -25.70
N ASP A 302 6.94 0.02 -26.10
CA ASP A 302 7.10 0.44 -27.50
C ASP A 302 6.01 -0.16 -28.42
N GLY A 303 4.76 -0.09 -27.94
CA GLY A 303 3.62 -0.59 -28.67
C GLY A 303 3.48 -2.09 -28.81
N GLN A 304 4.22 -2.84 -27.98
CA GLN A 304 4.20 -4.30 -28.00
C GLN A 304 3.86 -4.88 -26.64
N LYS A 305 3.12 -5.99 -26.64
CA LYS A 305 2.73 -6.68 -25.42
C LYS A 305 3.89 -7.54 -24.93
N CYS A 306 4.31 -7.27 -23.69
CA CYS A 306 5.43 -7.95 -23.07
C CYS A 306 5.01 -8.55 -21.74
N ARG A 307 4.99 -9.88 -21.68
CA ARG A 307 4.60 -10.60 -20.47
C ARG A 307 5.55 -10.38 -19.29
N GLN A 308 4.94 -10.01 -18.15
CA GLN A 308 5.68 -9.84 -16.91
C GLN A 308 5.89 -11.27 -16.42
N VAL A 309 7.16 -11.69 -16.41
CA VAL A 309 7.51 -13.05 -16.03
C VAL A 309 8.10 -13.25 -14.64
N GLY A 310 7.73 -14.36 -14.00
CA GLY A 310 8.21 -14.70 -12.67
C GLY A 310 7.44 -14.00 -11.56
N GLN A 311 7.64 -14.46 -10.32
CA GLN A 311 6.95 -13.85 -9.18
C GLN A 311 7.35 -12.40 -8.98
N ILE A 312 6.36 -11.59 -8.66
CA ILE A 312 6.57 -10.17 -8.40
C ILE A 312 7.21 -10.09 -7.02
N ALA A 313 8.39 -9.47 -6.95
CA ALA A 313 9.09 -9.29 -5.67
C ALA A 313 8.54 -8.04 -5.00
N MSE A 314 9.07 -7.72 -3.82
CA MSE A 314 8.59 -6.57 -3.07
C MSE A 314 8.78 -5.23 -3.75
O MSE A 314 7.88 -4.37 -3.72
CB MSE A 314 9.22 -6.58 -1.69
CG MSE A 314 8.34 -5.99 -0.64
SE MSE A 314 9.10 -6.20 1.09
CE MSE A 314 8.65 -8.02 1.40
N ASP A 315 9.91 -5.06 -4.43
CA ASP A 315 10.24 -3.78 -5.06
C ASP A 315 10.65 -3.87 -6.53
N GLN A 316 10.76 -5.10 -7.04
CA GLN A 316 11.19 -5.34 -8.42
C GLN A 316 10.45 -6.52 -9.07
N MSE A 317 10.38 -6.48 -10.40
CA MSE A 317 9.76 -7.56 -11.18
C MSE A 317 10.38 -7.57 -12.57
O MSE A 317 10.93 -6.57 -13.03
CB MSE A 317 8.24 -7.44 -11.27
CG MSE A 317 7.75 -6.19 -11.95
SE MSE A 317 5.87 -6.14 -11.75
CE MSE A 317 5.41 -5.15 -13.34
N MSE A 318 10.30 -8.72 -13.22
CA MSE A 318 10.90 -8.88 -14.54
C MSE A 318 9.90 -8.99 -15.69
O MSE A 318 8.76 -9.40 -15.48
CB MSE A 318 11.87 -10.05 -14.53
CG MSE A 318 13.26 -9.70 -13.98
SE MSE A 318 13.33 -9.19 -12.12
CE MSE A 318 13.01 -10.90 -11.34
N VAL A 319 10.35 -8.63 -16.89
CA VAL A 319 9.51 -8.65 -18.07
C VAL A 319 10.25 -9.23 -19.28
N ALA A 320 9.56 -10.05 -20.07
CA ALA A 320 10.11 -10.68 -21.27
C ALA A 320 10.02 -9.69 -22.43
N LEU A 321 11.17 -9.38 -23.03
CA LEU A 321 11.27 -8.42 -24.13
C LEU A 321 11.42 -9.12 -25.49
N PRO A 322 10.86 -8.54 -26.59
CA PRO A 322 10.98 -9.16 -27.91
C PRO A 322 12.40 -9.11 -28.50
N HIS A 323 13.18 -8.14 -28.02
CA HIS A 323 14.59 -7.91 -28.41
C HIS A 323 15.23 -6.94 -27.40
N GLU A 324 16.48 -6.56 -27.65
CA GLU A 324 17.19 -5.64 -26.75
C GLU A 324 16.63 -4.22 -26.76
N TYR A 325 16.55 -3.67 -25.55
CA TYR A 325 16.08 -2.31 -25.29
C TYR A 325 17.10 -1.75 -24.30
N PRO A 326 17.42 -0.44 -24.39
CA PRO A 326 18.38 0.12 -23.42
C PRO A 326 17.78 0.39 -22.05
N ILE A 327 18.65 0.63 -21.06
CA ILE A 327 18.21 0.96 -19.69
C ILE A 327 17.53 2.33 -19.78
N GLY A 328 16.38 2.45 -19.13
CA GLY A 328 15.63 3.69 -19.16
C GLY A 328 14.46 3.68 -20.11
N THR A 329 14.27 2.56 -20.83
CA THR A 329 13.16 2.40 -21.78
C THR A 329 11.85 2.40 -21.00
N GLU A 330 10.93 3.25 -21.42
CA GLU A 330 9.61 3.39 -20.80
C GLU A 330 8.74 2.16 -20.94
N VAL A 331 8.06 1.82 -19.84
CA VAL A 331 7.15 0.68 -19.78
C VAL A 331 5.81 1.21 -19.29
N THR A 332 4.75 0.87 -20.01
CA THR A 332 3.40 1.29 -19.64
C THR A 332 2.67 0.07 -19.07
N LEU A 333 2.36 0.15 -17.78
CA LEU A 333 1.65 -0.94 -17.08
C LEU A 333 0.14 -0.77 -17.26
N ILE A 334 -0.34 0.45 -17.02
CA ILE A 334 -1.75 0.81 -17.20
C ILE A 334 -1.71 2.05 -18.08
N GLY A 335 -2.35 1.98 -19.24
CA GLY A 335 -2.36 3.11 -20.16
C GLY A 335 -2.20 2.74 -21.61
N LYS A 336 -1.95 3.74 -22.44
CA LYS A 336 -1.82 3.57 -23.90
C LYS A 336 -0.40 3.46 -24.45
N SER A 337 -0.22 2.59 -25.44
CA SER A 337 1.06 2.38 -26.12
C SER A 337 0.80 1.70 -27.44
N GLY A 338 1.05 2.42 -28.53
CA GLY A 338 0.83 1.90 -29.87
C GLY A 338 -0.65 1.65 -30.14
N LYS A 339 -0.95 0.47 -30.68
CA LYS A 339 -2.32 0.06 -30.99
C LYS A 339 -3.06 -0.45 -29.76
N TYR A 340 -2.32 -0.64 -28.68
CA TYR A 340 -2.87 -1.19 -27.44
C TYR A 340 -3.10 -0.23 -26.28
N GLU A 341 -3.95 -0.66 -25.36
CA GLU A 341 -4.26 0.08 -24.14
C GLU A 341 -4.61 -0.89 -23.02
N ASN A 342 -3.80 -0.85 -21.96
CA ASN A 342 -4.03 -1.68 -20.78
C ASN A 342 -4.96 -0.89 -19.88
N THR A 343 -6.15 -1.43 -19.65
CA THR A 343 -7.15 -0.77 -18.82
C THR A 343 -7.28 -1.48 -17.50
N LEU A 344 -7.97 -0.84 -16.55
CA LEU A 344 -8.21 -1.41 -15.24
C LEU A 344 -9.14 -2.63 -15.37
N TYR A 345 -9.95 -2.63 -16.43
CA TYR A 345 -10.86 -3.75 -16.73
C TYR A 345 -10.04 -4.97 -17.17
N ASP A 346 -8.98 -4.71 -17.95
CA ASP A 346 -8.06 -5.76 -18.44
C ASP A 346 -7.36 -6.39 -17.25
N LEU A 347 -6.94 -5.55 -16.30
CA LEU A 347 -6.26 -6.03 -15.09
C LEU A 347 -7.20 -6.77 -14.16
N HIS A 348 -8.48 -6.38 -14.14
CA HIS A 348 -9.49 -7.05 -13.31
C HIS A 348 -9.73 -8.45 -13.88
N LYS A 349 -9.92 -8.55 -15.20
CA LYS A 349 -10.17 -9.83 -15.86
C LYS A 349 -9.02 -10.81 -15.65
N HIS A 350 -7.81 -10.27 -15.64
CA HIS A 350 -6.60 -11.07 -15.46
C HIS A 350 -6.35 -11.52 -14.01
N SER A 351 -6.57 -10.61 -13.06
CA SER A 351 -6.29 -10.87 -11.64
C SER A 351 -7.42 -11.20 -10.66
N GLY A 352 -8.63 -10.73 -10.97
CA GLY A 352 -9.77 -10.94 -10.09
C GLY A 352 -9.95 -9.79 -9.13
N VAL A 353 -9.12 -8.76 -9.27
CA VAL A 353 -9.17 -7.56 -8.41
C VAL A 353 -9.90 -6.42 -9.13
N PRO A 354 -11.06 -5.95 -8.59
CA PRO A 354 -11.85 -4.86 -9.17
C PRO A 354 -11.06 -3.54 -9.34
N PRO A 355 -11.42 -2.69 -10.34
CA PRO A 355 -10.72 -1.42 -10.59
C PRO A 355 -10.45 -0.50 -9.41
N TRP A 356 -11.47 -0.29 -8.58
CA TRP A 356 -11.36 0.56 -7.38
C TRP A 356 -10.44 -0.07 -6.33
N LYS A 357 -10.37 -1.41 -6.33
CA LYS A 357 -9.51 -2.15 -5.40
C LYS A 357 -8.06 -2.17 -5.90
N ILE A 358 -7.88 -2.05 -7.22
CA ILE A 358 -6.55 -2.00 -7.85
C ILE A 358 -5.88 -0.67 -7.49
N THR A 359 -6.61 0.42 -7.74
CA THR A 359 -6.10 1.76 -7.49
C THR A 359 -5.86 2.08 -6.02
N VAL A 360 -6.74 1.60 -5.14
CA VAL A 360 -6.59 1.87 -3.70
C VAL A 360 -5.38 1.15 -3.09
N ALA A 361 -4.95 0.08 -3.74
CA ALA A 361 -3.79 -0.71 -3.30
C ALA A 361 -2.46 -0.05 -3.58
N PHE A 362 -2.42 0.96 -4.47
CA PHE A 362 -1.18 1.67 -4.79
C PHE A 362 -0.68 2.42 -3.56
N SER A 363 0.55 2.12 -3.15
CA SER A 363 1.11 2.74 -1.95
C SER A 363 1.65 4.14 -2.21
N ASP A 364 1.98 4.86 -1.13
CA ASP A 364 2.51 6.20 -1.27
C ASP A 364 3.95 6.23 -1.78
N ARG A 365 4.59 5.07 -1.85
CA ARG A 365 5.97 4.97 -2.38
C ARG A 365 5.97 5.24 -3.88
N LEU A 366 4.86 4.88 -4.53
CA LEU A 366 4.67 5.09 -5.97
C LEU A 366 4.44 6.60 -6.15
N LYS A 367 5.37 7.26 -6.85
CA LYS A 367 5.25 8.71 -7.05
C LYS A 367 4.07 9.12 -7.91
N ARG A 368 3.43 10.21 -7.49
CA ARG A 368 2.24 10.73 -8.16
C ARG A 368 2.46 12.15 -8.68
N MSE A 369 1.96 12.39 -9.89
CA MSE A 369 2.06 13.70 -10.54
C MSE A 369 0.81 13.94 -11.37
O MSE A 369 0.11 13.00 -11.73
CB MSE A 369 3.31 13.79 -11.41
CG MSE A 369 3.40 12.77 -12.52
SE MSE A 369 4.97 12.98 -13.58
CE MSE A 369 6.25 12.42 -12.28
N VAL A 370 0.51 15.21 -11.63
CA VAL A 370 -0.64 15.61 -12.45
C VAL A 370 -0.13 16.02 -13.83
N VAL A 371 -0.77 15.48 -14.88
CA VAL A 371 -0.44 15.80 -16.27
C VAL A 371 -1.65 16.46 -16.97
N ARG B 8 -7.43 8.76 14.53
CA ARG B 8 -8.14 7.45 14.39
C ARG B 8 -7.55 6.41 15.35
N SER B 9 -8.36 5.43 15.71
CA SER B 9 -7.98 4.35 16.62
C SER B 9 -7.28 3.17 15.94
N THR B 10 -7.49 2.99 14.63
CA THR B 10 -6.86 1.90 13.89
C THR B 10 -5.35 2.11 13.87
N ARG B 11 -4.63 1.11 14.39
CA ARG B 11 -3.18 1.19 14.52
C ARG B 11 -2.41 -0.12 14.51
N ILE B 12 -1.11 0.00 14.24
CA ILE B 12 -0.17 -1.11 14.26
C ILE B 12 0.73 -0.79 15.46
N GLU B 13 0.79 -1.72 16.41
CA GLU B 13 1.61 -1.58 17.61
C GLU B 13 2.80 -2.50 17.48
N PHE B 14 3.97 -1.91 17.20
CA PHE B 14 5.21 -2.66 17.02
C PHE B 14 5.92 -2.90 18.36
N SER B 15 6.37 -4.13 18.57
CA SER B 15 7.06 -4.52 19.80
C SER B 15 8.57 -4.50 19.66
N LYS B 16 9.21 -3.59 20.39
CA LYS B 16 10.66 -3.42 20.41
C LYS B 16 11.37 -4.65 20.98
N SER B 17 10.84 -5.19 22.08
CA SER B 17 11.40 -6.36 22.74
C SER B 17 11.33 -7.64 21.89
N SER B 18 10.29 -7.74 21.06
CA SER B 18 10.13 -8.89 20.17
C SER B 18 11.11 -8.81 19.01
N LEU B 19 11.36 -7.60 18.51
CA LEU B 19 12.32 -7.39 17.41
C LEU B 19 13.71 -7.77 17.92
N ALA B 20 14.02 -7.32 19.14
CA ALA B 20 15.31 -7.59 19.80
C ALA B 20 15.53 -9.08 20.00
N TYR B 21 14.45 -9.78 20.37
CA TYR B 21 14.49 -11.23 20.59
C TYR B 21 14.78 -11.97 19.28
N ASN B 22 14.06 -11.59 18.22
CA ASN B 22 14.22 -12.23 16.92
C ASN B 22 15.58 -12.00 16.27
N VAL B 23 16.20 -10.84 16.55
CA VAL B 23 17.53 -10.49 16.03
C VAL B 23 18.56 -11.44 16.66
N GLN B 24 18.47 -11.61 17.98
CA GLN B 24 19.38 -12.48 18.72
C GLN B 24 19.18 -13.95 18.36
N TYR B 25 17.92 -14.34 18.11
CA TYR B 25 17.59 -15.71 17.73
C TYR B 25 18.14 -16.02 16.33
N THR B 26 18.03 -15.05 15.42
CA THR B 26 18.52 -15.18 14.04
C THR B 26 20.04 -15.35 14.04
N LYS B 27 20.74 -14.58 14.88
CA LYS B 27 22.19 -14.66 15.00
C LYS B 27 22.63 -15.99 15.63
N GLN B 28 21.81 -16.49 16.56
CA GLN B 28 22.04 -17.76 17.29
C GLN B 28 21.99 -18.98 16.35
N VAL B 29 20.93 -19.06 15.56
CA VAL B 29 20.71 -20.16 14.63
C VAL B 29 21.66 -20.12 13.43
N SER B 30 21.83 -18.93 12.86
CA SER B 30 22.70 -18.74 11.70
C SER B 30 24.19 -18.73 11.98
N GLY B 31 24.55 -18.24 13.17
CA GLY B 31 25.96 -18.14 13.53
C GLY B 31 26.54 -16.81 13.04
N ALA B 32 25.69 -15.99 12.42
CA ALA B 32 26.09 -14.68 11.90
C ALA B 32 26.41 -13.69 13.01
N LYS B 33 27.52 -12.98 12.85
CA LYS B 33 27.96 -11.97 13.83
C LYS B 33 27.41 -10.59 13.47
N THR B 34 27.02 -10.44 12.21
CA THR B 34 26.49 -9.19 11.68
C THR B 34 25.09 -9.40 11.08
N LEU B 35 24.14 -8.56 11.49
CA LEU B 35 22.78 -8.64 10.97
C LEU B 35 22.35 -7.32 10.38
N TRP B 36 21.92 -7.39 9.13
CA TRP B 36 21.41 -6.25 8.40
C TRP B 36 19.93 -6.50 8.19
N LEU B 37 19.11 -5.58 8.69
CA LEU B 37 17.66 -5.71 8.58
C LEU B 37 17.12 -5.04 7.32
N ALA B 38 16.36 -5.81 6.55
CA ALA B 38 15.71 -5.31 5.34
C ALA B 38 14.51 -4.46 5.78
N VAL B 39 14.60 -3.16 5.51
CA VAL B 39 13.55 -2.22 5.87
C VAL B 39 12.82 -1.62 4.67
N LYS B 40 12.91 -2.31 3.53
CA LYS B 40 12.26 -1.86 2.30
C LYS B 40 10.73 -1.98 2.41
N SER B 41 10.02 -1.23 1.58
CA SER B 41 8.54 -1.20 1.54
C SER B 41 7.92 -0.89 2.90
N ASN B 42 8.33 0.25 3.46
CA ASN B 42 7.87 0.74 4.76
C ASN B 42 8.12 -0.32 5.85
N ALA B 43 9.35 -0.86 5.85
CA ALA B 43 9.79 -1.93 6.76
C ALA B 43 8.84 -3.11 6.76
N TYR B 44 8.53 -3.58 5.55
CA TYR B 44 7.60 -4.69 5.30
C TYR B 44 6.23 -4.34 5.88
N GLY B 45 5.90 -3.05 5.86
CA GLY B 45 4.64 -2.55 6.39
C GLY B 45 4.62 -2.23 7.87
N HIS B 46 5.73 -2.47 8.57
CA HIS B 46 5.83 -2.21 10.00
C HIS B 46 6.19 -0.75 10.32
N GLY B 47 6.60 -0.01 9.29
CA GLY B 47 6.98 1.38 9.45
C GLY B 47 8.46 1.63 9.29
N LEU B 48 8.85 2.17 8.13
CA LEU B 48 10.26 2.47 7.81
C LEU B 48 10.99 3.26 8.88
N LEU B 49 10.45 4.41 9.24
CA LEU B 49 11.07 5.27 10.22
C LEU B 49 11.06 4.78 11.66
N GLN B 50 9.96 4.19 12.11
CA GLN B 50 9.91 3.71 13.50
C GLN B 50 10.77 2.47 13.78
N VAL B 51 10.89 1.60 12.78
CA VAL B 51 11.71 0.39 12.91
C VAL B 51 13.19 0.77 12.79
N SER B 52 13.50 1.66 11.84
CA SER B 52 14.87 2.12 11.62
C SER B 52 15.44 2.86 12.84
N LYS B 53 14.56 3.56 13.57
CA LYS B 53 14.94 4.32 14.76
C LYS B 53 15.37 3.45 15.95
N ILE B 54 14.68 2.33 16.15
CA ILE B 54 14.96 1.42 17.25
C ILE B 54 15.86 0.24 16.88
N ALA B 55 16.19 0.13 15.59
CA ALA B 55 17.00 -0.95 15.06
C ALA B 55 18.32 -1.23 15.76
N ARG B 56 19.16 -0.21 15.93
CA ARG B 56 20.47 -0.38 16.61
C ARG B 56 20.33 -0.86 18.06
N GLU B 57 19.36 -0.29 18.77
CA GLU B 57 19.07 -0.64 20.18
C GLU B 57 18.65 -2.11 20.28
N CYS B 58 18.03 -2.61 19.21
CA CYS B 58 17.57 -3.98 19.12
C CYS B 58 18.62 -4.98 18.63
N GLY B 59 19.86 -4.50 18.42
CA GLY B 59 20.95 -5.37 18.00
C GLY B 59 21.20 -5.48 16.50
N VAL B 60 20.54 -4.63 15.71
CA VAL B 60 20.73 -4.62 14.26
C VAL B 60 21.98 -3.80 13.94
N ASP B 61 22.86 -4.39 13.14
CA ASP B 61 24.12 -3.78 12.75
C ASP B 61 24.08 -2.87 11.54
N GLY B 62 23.02 -2.98 10.74
CA GLY B 62 22.87 -2.16 9.54
C GLY B 62 21.49 -2.28 8.97
N LEU B 63 21.12 -1.35 8.09
CA LEU B 63 19.79 -1.32 7.47
C LEU B 63 19.88 -1.53 5.97
N ALA B 64 18.97 -2.32 5.42
CA ALA B 64 18.95 -2.58 3.98
C ALA B 64 17.66 -2.05 3.37
N VAL B 65 17.81 -1.09 2.47
CA VAL B 65 16.67 -0.48 1.77
C VAL B 65 16.69 -0.95 0.32
N SER B 66 15.59 -0.79 -0.39
CA SER B 66 15.53 -1.20 -1.78
C SER B 66 15.87 -0.08 -2.75
N VAL B 67 15.36 1.11 -2.44
CA VAL B 67 15.56 2.28 -3.28
C VAL B 67 16.24 3.44 -2.54
N LEU B 68 16.81 4.35 -3.32
CA LEU B 68 17.53 5.53 -2.82
C LEU B 68 16.71 6.38 -1.83
N ASP B 69 15.44 6.62 -2.16
CA ASP B 69 14.56 7.43 -1.33
C ASP B 69 14.26 6.92 0.07
N GLU B 70 14.28 5.59 0.24
CA GLU B 70 14.05 4.99 1.54
C GLU B 70 15.27 5.26 2.42
N GLY B 71 16.45 5.24 1.79
CA GLY B 71 17.69 5.53 2.50
C GLY B 71 17.73 7.00 2.89
N ILE B 72 17.32 7.89 1.98
CA ILE B 72 17.29 9.34 2.22
C ILE B 72 16.35 9.68 3.38
N ALA B 73 15.19 9.01 3.42
CA ALA B 73 14.19 9.22 4.47
C ALA B 73 14.74 8.87 5.86
N ILE B 74 15.52 7.79 5.91
CA ILE B 74 16.16 7.32 7.16
C ILE B 74 17.20 8.36 7.62
N ARG B 75 18.00 8.86 6.69
CA ARG B 75 19.03 9.88 6.97
C ARG B 75 18.44 11.22 7.41
N GLN B 76 17.32 11.62 6.79
CA GLN B 76 16.65 12.88 7.11
C GLN B 76 15.98 12.84 8.48
N ALA B 77 15.75 11.61 8.98
CA ALA B 77 15.15 11.38 10.30
C ALA B 77 16.26 11.40 11.37
N GLY B 78 17.49 11.66 10.93
CA GLY B 78 18.65 11.74 11.81
C GLY B 78 19.38 10.44 12.09
N ILE B 79 18.91 9.33 11.52
CA ILE B 79 19.52 8.02 11.74
C ILE B 79 20.84 7.89 10.96
N ASP B 80 21.88 7.59 11.73
CA ASP B 80 23.26 7.50 11.25
C ASP B 80 23.76 6.07 10.97
N ASP B 81 22.88 5.09 11.09
CA ASP B 81 23.22 3.68 10.87
C ASP B 81 23.75 3.36 9.47
N PHE B 82 24.45 2.23 9.38
CA PHE B 82 24.98 1.72 8.12
C PHE B 82 23.76 1.41 7.25
N ILE B 83 23.77 1.89 6.00
CA ILE B 83 22.68 1.64 5.07
C ILE B 83 23.18 1.07 3.74
N LEU B 84 22.52 -0.01 3.32
CA LEU B 84 22.80 -0.69 2.06
C LEU B 84 21.58 -0.53 1.16
N ILE B 85 21.81 -0.19 -0.12
CA ILE B 85 20.73 -0.08 -1.10
C ILE B 85 20.82 -1.43 -1.84
N LEU B 86 19.78 -2.23 -1.74
CA LEU B 86 19.71 -3.58 -2.35
C LEU B 86 19.55 -3.60 -3.86
N GLY B 87 18.75 -2.66 -4.38
CA GLY B 87 18.50 -2.60 -5.81
C GLY B 87 19.36 -1.60 -6.55
N PRO B 88 19.19 -1.49 -7.88
CA PRO B 88 20.01 -0.53 -8.64
C PRO B 88 19.47 0.89 -8.49
N ILE B 89 20.33 1.86 -8.76
CA ILE B 89 19.95 3.27 -8.74
C ILE B 89 20.47 3.85 -10.04
N ASP B 90 19.84 4.91 -10.53
CA ASP B 90 20.27 5.58 -11.76
C ASP B 90 21.63 6.21 -11.46
N VAL B 91 22.56 6.02 -12.39
CA VAL B 91 23.93 6.52 -12.27
C VAL B 91 24.07 8.03 -12.00
N LYS B 92 23.06 8.80 -12.40
CA LYS B 92 23.08 10.26 -12.18
C LYS B 92 22.95 10.61 -10.69
N TYR B 93 22.54 9.61 -9.90
CA TYR B 93 22.36 9.75 -8.46
C TYR B 93 23.53 9.20 -7.64
N ALA B 94 24.62 8.81 -8.31
CA ALA B 94 25.82 8.31 -7.63
C ALA B 94 26.38 9.35 -6.62
N PRO B 95 26.37 10.68 -6.97
CA PRO B 95 26.88 11.66 -5.99
C PRO B 95 26.00 11.72 -4.73
N ILE B 96 24.68 11.55 -4.91
CA ILE B 96 23.71 11.58 -3.81
C ILE B 96 23.95 10.37 -2.87
N ALA B 97 24.18 9.20 -3.46
CA ALA B 97 24.44 7.97 -2.69
C ALA B 97 25.74 8.06 -1.88
N SER B 98 26.73 8.73 -2.46
CA SER B 98 28.03 8.94 -1.81
C SER B 98 27.93 9.92 -0.63
N LYS B 99 27.20 11.01 -0.84
CA LYS B 99 26.98 12.06 0.17
C LYS B 99 26.29 11.54 1.43
N TYR B 100 25.36 10.60 1.22
CA TYR B 100 24.61 10.02 2.33
C TYR B 100 25.24 8.75 2.89
N HIS B 101 26.43 8.41 2.38
CA HIS B 101 27.24 7.25 2.79
C HIS B 101 26.52 5.90 2.70
N PHE B 102 25.90 5.66 1.56
CA PHE B 102 25.17 4.41 1.31
C PHE B 102 26.04 3.39 0.62
N LEU B 103 25.96 2.14 1.05
CA LEU B 103 26.66 1.04 0.38
C LEU B 103 25.72 0.85 -0.82
N THR B 104 26.23 1.20 -1.99
CA THR B 104 25.46 1.21 -3.23
C THR B 104 25.67 0.01 -4.16
N THR B 105 24.54 -0.63 -4.51
CA THR B 105 24.56 -1.79 -5.40
C THR B 105 24.77 -1.39 -6.86
N VAL B 106 25.76 -2.06 -7.48
CA VAL B 106 26.14 -1.82 -8.87
C VAL B 106 26.04 -3.15 -9.64
N SER B 107 25.45 -3.07 -10.83
CA SER B 107 25.24 -4.24 -11.68
C SER B 107 26.04 -4.31 -12.98
N SER B 108 26.76 -3.24 -13.33
CA SER B 108 27.54 -3.23 -14.58
C SER B 108 28.81 -2.38 -14.56
N LEU B 109 29.70 -2.69 -15.50
CA LEU B 109 30.97 -1.96 -15.67
C LEU B 109 30.65 -0.59 -16.28
N ASP B 110 29.61 -0.56 -17.13
CA ASP B 110 29.12 0.65 -17.80
C ASP B 110 28.64 1.70 -16.80
N TRP B 111 28.03 1.21 -15.72
CA TRP B 111 27.51 2.05 -14.63
C TRP B 111 28.70 2.72 -13.95
N LEU B 112 29.72 1.93 -13.61
CA LEU B 112 30.93 2.43 -12.96
C LEU B 112 31.69 3.45 -13.78
N LYS B 113 31.72 3.25 -15.10
CA LYS B 113 32.38 4.16 -16.04
C LYS B 113 31.70 5.52 -16.07
N SER B 114 30.37 5.51 -16.03
CA SER B 114 29.56 6.72 -16.03
C SER B 114 29.60 7.43 -14.67
N ALA B 115 29.80 6.66 -13.60
CA ALA B 115 29.88 7.19 -12.25
C ALA B 115 31.21 7.89 -11.99
N ASP B 116 32.27 7.34 -12.59
CA ASP B 116 33.63 7.86 -12.47
C ASP B 116 33.76 9.30 -13.00
N LYS B 117 32.92 9.61 -13.99
CA LYS B 117 32.87 10.92 -14.64
C LYS B 117 32.17 12.01 -13.83
N ILE B 118 31.27 11.61 -12.93
CA ILE B 118 30.50 12.58 -12.13
C ILE B 118 30.73 12.64 -10.62
N LEU B 119 31.48 11.69 -10.07
CA LEU B 119 31.75 11.68 -8.63
C LEU B 119 32.63 12.84 -8.14
N GLY B 120 33.41 13.42 -9.04
CA GLY B 120 34.26 14.56 -8.74
C GLY B 120 35.30 14.40 -7.65
N LYS B 121 34.96 14.82 -6.44
CA LYS B 121 35.86 14.74 -5.30
C LYS B 121 35.36 13.69 -4.29
N GLU B 122 34.19 13.12 -4.58
CA GLU B 122 33.54 12.15 -3.71
C GLU B 122 33.89 10.69 -3.99
N LYS B 123 33.78 9.86 -2.96
CA LYS B 123 34.06 8.43 -3.04
C LYS B 123 32.78 7.63 -2.76
N LEU B 124 32.48 6.68 -3.64
CA LEU B 124 31.29 5.84 -3.51
C LEU B 124 31.63 4.45 -2.99
N SER B 125 30.82 3.99 -2.03
CA SER B 125 30.95 2.67 -1.41
C SER B 125 30.16 1.72 -2.33
N VAL B 126 30.87 0.82 -2.98
CA VAL B 126 30.30 -0.13 -3.95
C VAL B 126 30.04 -1.56 -3.48
N ASN B 127 28.84 -2.04 -3.81
CA ASN B 127 28.37 -3.40 -3.50
C ASN B 127 28.10 -4.05 -4.86
N LEU B 128 28.93 -5.02 -5.25
CA LEU B 128 28.74 -5.69 -6.54
C LEU B 128 27.70 -6.79 -6.53
N ALA B 129 26.71 -6.64 -7.40
CA ALA B 129 25.63 -7.61 -7.52
C ALA B 129 26.03 -8.74 -8.44
N VAL B 130 25.83 -9.97 -7.98
CA VAL B 130 26.16 -11.16 -8.76
C VAL B 130 24.86 -11.95 -8.93
N ASP B 131 24.56 -12.28 -10.17
CA ASP B 131 23.36 -13.04 -10.51
C ASP B 131 23.74 -14.52 -10.59
N THR B 132 23.18 -15.32 -9.68
CA THR B 132 23.45 -16.76 -9.65
C THR B 132 22.21 -17.60 -9.97
N GLY B 133 21.11 -16.93 -10.28
CA GLY B 133 19.88 -17.63 -10.60
C GLY B 133 18.59 -16.90 -10.32
N MSE B 134 18.66 -15.78 -9.60
CA MSE B 134 17.46 -14.98 -9.30
C MSE B 134 16.99 -14.30 -10.58
O MSE B 134 15.79 -14.06 -10.78
CB MSE B 134 17.78 -13.94 -8.21
CG MSE B 134 16.61 -13.07 -7.73
SE MSE B 134 15.18 -14.03 -6.86
CE MSE B 134 14.00 -12.53 -6.56
N ASN B 135 17.94 -14.04 -11.47
CA ASN B 135 17.72 -13.39 -12.77
C ASN B 135 17.05 -12.03 -12.71
N ARG B 136 17.47 -11.27 -11.70
CA ARG B 136 16.97 -9.93 -11.45
C ARG B 136 18.00 -8.89 -11.90
N ILE B 137 19.05 -8.73 -11.11
CA ILE B 137 20.13 -7.79 -11.42
C ILE B 137 21.46 -8.44 -11.15
N GLY B 138 22.53 -7.83 -11.66
CA GLY B 138 23.87 -8.35 -11.44
C GLY B 138 24.55 -8.99 -12.61
N VAL B 139 25.87 -9.14 -12.47
CA VAL B 139 26.72 -9.76 -13.48
C VAL B 139 26.56 -11.27 -13.41
N ARG B 140 26.64 -11.92 -14.58
CA ARG B 140 26.46 -13.37 -14.65
C ARG B 140 27.62 -14.18 -15.18
N SER B 141 28.75 -13.53 -15.41
CA SER B 141 29.94 -14.21 -15.89
C SER B 141 31.14 -13.79 -15.05
N LYS B 142 32.11 -14.69 -14.96
CA LYS B 142 33.33 -14.44 -14.18
C LYS B 142 34.14 -13.28 -14.77
N LYS B 143 34.11 -13.15 -16.10
CA LYS B 143 34.81 -12.07 -16.81
C LYS B 143 34.25 -10.70 -16.42
N ASP B 144 32.92 -10.57 -16.48
CA ASP B 144 32.21 -9.32 -16.16
C ASP B 144 32.44 -8.88 -14.71
N LEU B 145 32.51 -9.86 -13.79
CA LEU B 145 32.75 -9.58 -12.38
C LEU B 145 34.19 -9.12 -12.15
N LYS B 146 35.14 -9.78 -12.83
CA LYS B 146 36.56 -9.45 -12.73
C LYS B 146 36.85 -8.06 -13.29
N ASP B 147 36.15 -7.71 -14.36
CA ASP B 147 36.26 -6.40 -15.03
C ASP B 147 35.82 -5.27 -14.11
N GLU B 148 34.78 -5.53 -13.32
CA GLU B 148 34.25 -4.56 -12.36
C GLU B 148 35.21 -4.34 -11.21
N ILE B 149 35.74 -5.44 -10.66
CA ILE B 149 36.69 -5.41 -9.54
C ILE B 149 37.97 -4.66 -9.94
N GLU B 150 38.44 -4.90 -11.17
CA GLU B 150 39.63 -4.25 -11.70
C GLU B 150 39.46 -2.74 -11.82
N PHE B 151 38.28 -2.32 -12.31
CA PHE B 151 37.93 -0.92 -12.49
C PHE B 151 37.90 -0.17 -11.14
N LEU B 152 37.37 -0.83 -10.12
CA LEU B 152 37.28 -0.26 -8.76
C LEU B 152 38.66 -0.04 -8.16
N GLN B 153 39.59 -0.91 -8.54
CA GLN B 153 40.98 -0.82 -8.07
C GLN B 153 41.78 0.22 -8.85
N GLU B 154 41.40 0.43 -10.12
CA GLU B 154 42.03 1.40 -11.02
C GLU B 154 41.60 2.84 -10.70
N HIS B 155 40.45 2.97 -10.02
CA HIS B 155 39.88 4.27 -9.66
C HIS B 155 39.49 4.31 -8.18
N SER B 156 40.49 4.06 -7.32
CA SER B 156 40.32 4.04 -5.86
C SER B 156 40.02 5.40 -5.24
N ASP B 157 40.10 6.46 -6.04
CA ASP B 157 39.83 7.83 -5.58
C ASP B 157 38.32 8.13 -5.62
N HIS B 158 37.62 7.43 -6.52
CA HIS B 158 36.18 7.59 -6.71
C HIS B 158 35.37 6.44 -6.15
N PHE B 159 36.00 5.27 -5.94
CA PHE B 159 35.30 4.09 -5.45
C PHE B 159 35.99 3.31 -4.34
N SER B 160 35.18 2.62 -3.54
CA SER B 160 35.65 1.76 -2.46
C SER B 160 34.91 0.44 -2.65
N TYR B 161 35.65 -0.62 -2.95
CA TYR B 161 35.11 -1.96 -3.16
C TYR B 161 34.80 -2.55 -1.77
N ASP B 162 33.54 -2.40 -1.36
CA ASP B 162 33.10 -2.82 -0.03
C ASP B 162 32.21 -4.05 0.08
N GLY B 163 31.47 -4.36 -0.98
CA GLY B 163 30.58 -5.53 -0.92
C GLY B 163 30.44 -6.32 -2.20
N ILE B 164 30.03 -7.58 -2.04
CA ILE B 164 29.76 -8.50 -3.13
C ILE B 164 28.63 -9.40 -2.62
N PHE B 165 27.64 -9.66 -3.47
CA PHE B 165 26.52 -10.48 -3.05
C PHE B 165 25.74 -11.19 -4.14
N THR B 166 24.92 -12.12 -3.68
CA THR B 166 23.96 -12.82 -4.53
C THR B 166 22.72 -13.03 -3.66
N HIS B 167 21.60 -13.25 -4.32
CA HIS B 167 20.34 -13.46 -3.63
C HIS B 167 19.78 -14.79 -4.09
N PHE B 168 19.23 -15.55 -3.15
CA PHE B 168 18.64 -16.84 -3.44
C PHE B 168 17.15 -16.75 -3.74
N ALA B 169 16.74 -17.47 -4.78
CA ALA B 169 15.35 -17.51 -5.23
C ALA B 169 14.49 -18.48 -4.43
N SER B 170 15.12 -19.45 -3.79
CA SER B 170 14.37 -20.47 -3.05
C SER B 170 15.15 -21.12 -1.90
N SER B 171 15.71 -20.29 -1.03
CA SER B 171 16.46 -20.78 0.13
C SER B 171 15.55 -21.25 1.27
N ASP B 172 14.25 -20.98 1.13
CA ASP B 172 13.22 -21.35 2.10
C ASP B 172 12.34 -22.50 1.62
N ASN B 173 12.71 -23.06 0.47
CA ASN B 173 11.97 -24.15 -0.17
C ASN B 173 12.46 -25.53 0.29
N PRO B 174 11.51 -26.47 0.59
CA PRO B 174 11.87 -27.84 1.04
C PRO B 174 12.67 -28.58 -0.04
N ASP B 175 12.45 -28.16 -1.29
CA ASP B 175 13.12 -28.68 -2.47
C ASP B 175 14.30 -27.71 -2.66
N ASP B 176 15.50 -28.15 -2.28
CA ASP B 176 16.70 -27.31 -2.38
C ASP B 176 17.51 -27.42 -3.67
N HIS B 177 16.94 -28.06 -4.71
CA HIS B 177 17.63 -28.25 -5.98
C HIS B 177 18.13 -26.97 -6.65
N TYR B 178 17.28 -25.93 -6.68
CA TYR B 178 17.67 -24.65 -7.27
C TYR B 178 18.64 -23.92 -6.35
N PHE B 179 18.48 -24.11 -5.03
CA PHE B 179 19.37 -23.50 -4.03
C PHE B 179 20.79 -24.04 -4.23
N GLN B 180 20.91 -25.36 -4.41
CA GLN B 180 22.21 -26.00 -4.62
C GLN B 180 22.85 -25.52 -5.91
N ARG B 181 22.03 -25.32 -6.95
CA ARG B 181 22.51 -24.81 -8.25
C ARG B 181 23.05 -23.39 -8.09
N GLN B 182 22.35 -22.56 -7.31
CA GLN B 182 22.75 -21.17 -7.06
C GLN B 182 24.00 -21.09 -6.19
N LYS B 183 24.06 -21.95 -5.17
CA LYS B 183 25.19 -22.01 -4.23
C LYS B 183 26.45 -22.46 -4.97
N ASN B 184 26.33 -23.46 -5.83
CA ASN B 184 27.46 -23.97 -6.61
C ASN B 184 27.94 -22.94 -7.62
N ARG B 185 26.99 -22.18 -8.18
CA ARG B 185 27.28 -21.14 -9.16
C ARG B 185 27.99 -19.97 -8.45
N TRP B 186 27.57 -19.68 -7.23
CA TRP B 186 28.16 -18.60 -6.42
C TRP B 186 29.64 -18.87 -6.15
N TYR B 187 29.93 -20.06 -5.66
CA TYR B 187 31.31 -20.45 -5.35
C TYR B 187 32.23 -20.53 -6.57
N GLU B 188 31.65 -20.89 -7.73
CA GLU B 188 32.40 -20.97 -8.99
C GLU B 188 32.78 -19.57 -9.45
N LEU B 189 31.83 -18.63 -9.34
CA LEU B 189 32.04 -17.24 -9.74
C LEU B 189 33.03 -16.46 -8.90
N ILE B 190 33.00 -16.67 -7.58
CA ILE B 190 33.90 -15.96 -6.67
C ILE B 190 35.27 -16.60 -6.46
N ASP B 191 35.41 -17.84 -6.94
CA ASP B 191 36.65 -18.63 -6.82
C ASP B 191 37.88 -17.92 -7.35
N GLY B 192 38.85 -17.70 -6.45
CA GLY B 192 40.10 -17.06 -6.81
C GLY B 192 40.07 -15.56 -7.06
N LEU B 193 38.96 -14.92 -6.68
CA LEU B 193 38.82 -13.48 -6.87
C LEU B 193 39.01 -12.73 -5.57
N ILE B 194 39.31 -11.44 -5.69
CA ILE B 194 39.52 -10.55 -4.54
C ILE B 194 38.19 -10.26 -3.87
N MSE B 195 38.11 -10.63 -2.59
CA MSE B 195 36.93 -10.46 -1.78
C MSE B 195 37.00 -9.18 -0.96
O MSE B 195 38.07 -8.81 -0.46
CB MSE B 195 36.71 -11.68 -0.89
CG MSE B 195 36.35 -12.95 -1.67
SE MSE B 195 34.60 -12.84 -2.51
CE MSE B 195 35.14 -12.51 -4.35
N PRO B 196 35.88 -8.43 -0.86
CA PRO B 196 35.84 -7.19 -0.09
C PRO B 196 35.48 -7.48 1.37
N ARG B 197 35.27 -6.43 2.17
CA ARG B 197 34.94 -6.58 3.59
C ARG B 197 33.57 -7.24 3.87
N TYR B 198 32.62 -7.07 2.95
CA TYR B 198 31.29 -7.65 3.10
C TYR B 198 30.95 -8.64 2.00
N VAL B 199 30.95 -9.92 2.34
CA VAL B 199 30.60 -11.00 1.41
C VAL B 199 29.29 -11.56 1.99
N HIS B 200 28.17 -11.14 1.41
CA HIS B 200 26.86 -11.52 1.92
C HIS B 200 25.94 -12.22 0.95
N VAL B 201 25.25 -13.27 1.43
CA VAL B 201 24.32 -14.05 0.60
C VAL B 201 23.08 -14.50 1.37
N MSE B 202 23.18 -14.51 2.69
CA MSE B 202 22.12 -15.02 3.54
C MSE B 202 20.84 -14.22 3.82
O MSE B 202 20.85 -13.30 4.62
CB MSE B 202 22.68 -15.50 4.89
CG MSE B 202 23.77 -16.53 4.80
SE MSE B 202 23.94 -17.58 6.41
CE MSE B 202 24.14 -16.18 7.71
N ASN B 203 19.76 -14.63 3.16
CA ASN B 203 18.44 -14.05 3.42
C ASN B 203 17.84 -14.94 4.52
N SER B 204 16.57 -14.74 4.88
CA SER B 204 15.93 -15.52 5.94
C SER B 204 16.02 -17.03 5.80
N GLY B 205 15.72 -17.56 4.61
CA GLY B 205 15.79 -18.99 4.36
C GLY B 205 17.19 -19.56 4.48
N ALA B 206 18.18 -18.85 3.94
CA ALA B 206 19.58 -19.28 3.99
C ALA B 206 20.16 -19.24 5.40
N ALA B 207 19.78 -18.21 6.16
CA ALA B 207 20.25 -18.03 7.53
C ALA B 207 19.68 -19.08 8.49
N MSE B 208 18.44 -19.47 8.24
CA MSE B 208 17.76 -20.43 9.10
C MSE B 208 17.91 -21.91 8.77
O MSE B 208 17.85 -22.76 9.66
CB MSE B 208 16.28 -20.05 9.21
CG MSE B 208 16.05 -18.60 9.64
SE MSE B 208 16.93 -18.12 11.29
CE MSE B 208 15.71 -19.18 12.23
N TYR B 209 18.09 -22.23 7.48
CA TYR B 209 18.19 -23.62 7.04
C TYR B 209 19.49 -24.04 6.37
N HIS B 210 20.28 -23.07 5.90
CA HIS B 210 21.50 -23.40 5.15
C HIS B 210 22.81 -22.72 5.55
N SER B 211 22.89 -22.14 6.75
CA SER B 211 24.09 -21.44 7.20
C SER B 211 25.40 -22.22 7.18
N LYS B 212 25.35 -23.48 7.59
CA LYS B 212 26.51 -24.38 7.64
C LYS B 212 27.01 -24.81 6.26
N GLU B 213 26.17 -24.63 5.24
CA GLU B 213 26.50 -24.98 3.85
C GLU B 213 27.14 -23.79 3.14
N LEU B 214 27.30 -22.67 3.87
CA LEU B 214 27.85 -21.45 3.29
C LEU B 214 29.14 -20.89 3.94
N PRO B 215 30.25 -21.69 4.00
CA PRO B 215 31.48 -21.18 4.61
C PRO B 215 32.12 -20.01 3.84
N GLY B 216 32.59 -19.01 4.57
CA GLY B 216 33.20 -17.84 3.96
C GLY B 216 32.18 -16.75 3.64
N CYS B 217 30.90 -17.10 3.70
CA CYS B 217 29.81 -16.17 3.42
C CYS B 217 28.61 -16.35 4.36
N ASN B 218 28.90 -16.76 5.61
CA ASN B 218 27.85 -16.95 6.60
C ASN B 218 27.99 -16.07 7.86
N SER B 219 28.78 -15.00 7.74
CA SER B 219 29.01 -14.08 8.84
C SER B 219 28.00 -12.93 8.86
N ILE B 220 27.34 -12.70 7.71
CA ILE B 220 26.34 -11.63 7.57
C ILE B 220 24.96 -12.19 7.22
N ALA B 221 23.96 -11.79 8.00
CA ALA B 221 22.57 -12.18 7.77
C ALA B 221 21.86 -10.92 7.25
N ARG B 222 21.51 -10.94 5.97
CA ARG B 222 20.83 -9.83 5.27
C ARG B 222 19.39 -10.34 5.23
N VAL B 223 18.70 -10.13 6.35
CA VAL B 223 17.35 -10.65 6.57
C VAL B 223 16.21 -9.67 6.82
N GLY B 224 15.00 -10.18 6.60
CA GLY B 224 13.80 -9.39 6.82
C GLY B 224 12.77 -10.23 7.53
N THR B 225 12.12 -11.12 6.79
CA THR B 225 11.06 -12.02 7.23
C THR B 225 11.20 -12.65 8.64
N VAL B 226 12.32 -13.31 8.89
CA VAL B 226 12.56 -13.97 10.18
C VAL B 226 12.65 -13.01 11.37
N VAL B 227 13.27 -11.83 11.15
CA VAL B 227 13.41 -10.83 12.19
C VAL B 227 12.05 -10.19 12.50
N TYR B 228 11.14 -10.23 11.52
CA TYR B 228 9.79 -9.71 11.73
C TYR B 228 8.86 -10.77 12.34
N GLY B 229 9.49 -11.79 12.94
CA GLY B 229 8.77 -12.87 13.62
C GLY B 229 8.03 -13.89 12.79
N VAL B 230 8.40 -14.00 11.52
CA VAL B 230 7.74 -14.95 10.64
C VAL B 230 8.74 -16.05 10.24
N GLU B 231 8.38 -17.29 10.55
CA GLU B 231 9.20 -18.46 10.20
C GLU B 231 9.17 -18.48 8.65
N PRO B 232 10.35 -18.41 7.99
CA PRO B 232 10.49 -18.39 6.52
C PRO B 232 9.68 -19.38 5.68
N SER B 233 9.57 -20.61 6.16
CA SER B 233 8.81 -21.66 5.47
C SER B 233 7.45 -21.85 6.13
N GLU B 234 7.15 -20.99 7.12
CA GLU B 234 5.90 -20.99 7.90
C GLU B 234 5.62 -22.26 8.71
N GLY B 235 6.69 -22.82 9.28
CA GLY B 235 6.56 -24.01 10.10
C GLY B 235 6.75 -25.34 9.39
N VAL B 236 7.26 -25.31 8.16
CA VAL B 236 7.50 -26.54 7.41
C VAL B 236 8.91 -27.08 7.70
N LEU B 237 9.90 -26.20 7.61
CA LEU B 237 11.31 -26.56 7.80
C LEU B 237 11.94 -26.15 9.12
N GLY B 238 11.19 -25.39 9.93
CA GLY B 238 11.69 -24.93 11.21
C GLY B 238 10.57 -24.57 12.16
N PRO B 239 10.83 -24.45 13.49
CA PRO B 239 9.84 -24.12 14.51
C PRO B 239 9.27 -22.69 14.56
N ILE B 240 7.95 -22.61 14.64
CA ILE B 240 7.22 -21.33 14.72
C ILE B 240 7.34 -20.71 16.11
N ASP B 241 7.24 -21.56 17.14
CA ASP B 241 7.30 -21.15 18.54
C ASP B 241 8.52 -20.40 19.07
N LYS B 242 9.66 -20.56 18.39
CA LYS B 242 10.90 -19.93 18.80
C LYS B 242 11.04 -18.46 18.35
N LEU B 243 10.06 -17.99 17.57
CA LEU B 243 10.02 -16.62 17.09
C LEU B 243 8.84 -15.89 17.71
N LYS B 244 9.05 -14.61 18.00
CA LYS B 244 8.00 -13.79 18.60
C LYS B 244 7.38 -12.83 17.60
N PRO B 245 6.02 -12.75 17.54
CA PRO B 245 5.36 -11.83 16.60
C PRO B 245 5.75 -10.40 16.99
N VAL B 246 6.03 -9.57 15.99
CA VAL B 246 6.48 -8.20 16.27
C VAL B 246 5.45 -7.10 16.31
N PHE B 247 4.19 -7.42 16.03
CA PHE B 247 3.14 -6.41 16.05
C PHE B 247 1.75 -6.96 16.34
N GLU B 248 0.85 -6.03 16.63
CA GLU B 248 -0.57 -6.29 16.85
C GLU B 248 -1.32 -5.22 16.06
N LEU B 249 -2.34 -5.63 15.31
CA LEU B 249 -3.16 -4.69 14.55
C LEU B 249 -4.47 -4.56 15.32
N LYS B 250 -4.72 -3.34 15.80
CA LYS B 250 -5.91 -3.04 16.58
C LYS B 250 -6.72 -1.89 16.02
N SER B 251 -7.97 -1.81 16.46
CA SER B 251 -8.91 -0.76 16.08
C SER B 251 -9.88 -0.59 17.26
N ALA B 252 -10.97 0.14 17.03
CA ALA B 252 -11.99 0.34 18.06
C ALA B 252 -13.32 0.59 17.40
N LEU B 253 -14.40 0.22 18.09
CA LEU B 253 -15.75 0.40 17.58
C LEU B 253 -16.13 1.88 17.50
N THR B 254 -16.58 2.30 16.32
CA THR B 254 -16.99 3.68 16.08
C THR B 254 -18.51 3.86 16.12
N PHE B 255 -19.23 2.74 16.00
CA PHE B 255 -20.69 2.74 16.03
C PHE B 255 -21.19 1.35 16.42
N VAL B 256 -22.25 1.32 17.23
CA VAL B 256 -22.87 0.07 17.68
C VAL B 256 -24.39 0.19 17.49
N LYS B 257 -25.00 -0.87 16.97
CA LYS B 257 -26.46 -0.91 16.76
C LYS B 257 -27.10 -2.22 17.19
N LYS B 258 -28.35 -2.12 17.64
CA LYS B 258 -29.16 -3.25 18.12
C LYS B 258 -29.90 -3.95 16.98
N TRP B 278 -26.45 -7.72 17.98
CA TRP B 278 -25.68 -6.49 18.08
C TRP B 278 -24.58 -6.46 17.03
N ILE B 279 -24.45 -5.31 16.34
CA ILE B 279 -23.45 -5.11 15.29
C ILE B 279 -22.57 -3.88 15.56
N GLY B 280 -21.26 -4.08 15.51
CA GLY B 280 -20.31 -3.00 15.73
C GLY B 280 -19.58 -2.64 14.46
N THR B 281 -19.32 -1.35 14.25
CA THR B 281 -18.61 -0.86 13.08
C THR B 281 -17.22 -0.40 13.53
N LEU B 282 -16.20 -0.73 12.74
CA LEU B 282 -14.82 -0.33 13.03
C LEU B 282 -14.21 0.34 11.79
N PRO B 283 -13.36 1.37 11.97
CA PRO B 283 -12.74 2.07 10.85
C PRO B 283 -11.49 1.45 10.18
N ILE B 284 -11.72 0.34 9.48
CA ILE B 284 -10.68 -0.36 8.73
C ILE B 284 -11.34 -1.09 7.55
N GLY B 285 -10.68 -1.05 6.40
CA GLY B 285 -11.20 -1.70 5.22
C GLY B 285 -10.11 -2.08 4.25
N TYR B 286 -10.47 -2.47 3.02
CA TYR B 286 -9.49 -2.89 2.02
C TYR B 286 -8.49 -1.82 1.59
N GLY B 287 -8.92 -0.57 1.69
CA GLY B 287 -8.09 0.58 1.35
C GLY B 287 -6.96 0.78 2.35
N ASP B 288 -7.14 0.22 3.55
CA ASP B 288 -6.16 0.29 4.64
C ASP B 288 -5.27 -0.95 4.66
N GLY B 289 -5.61 -1.95 3.87
CA GLY B 289 -4.83 -3.17 3.84
C GLY B 289 -5.57 -4.36 4.41
N TRP B 290 -6.79 -4.15 4.88
CA TRP B 290 -7.59 -5.25 5.38
C TRP B 290 -8.40 -5.73 4.17
N LEU B 291 -7.66 -6.40 3.29
CA LEU B 291 -8.14 -6.94 2.01
C LEU B 291 -9.41 -7.77 2.02
N ALA B 292 -10.11 -7.76 0.88
CA ALA B 292 -11.37 -8.49 0.68
C ALA B 292 -11.23 -10.00 0.91
N GLU B 293 -10.00 -10.48 0.77
CA GLU B 293 -9.63 -11.89 0.95
C GLU B 293 -9.68 -12.32 2.42
N TYR B 294 -9.73 -11.32 3.31
CA TYR B 294 -9.78 -11.56 4.75
C TYR B 294 -11.22 -11.63 5.25
N GLN B 295 -12.17 -11.64 4.31
CA GLN B 295 -13.60 -11.72 4.61
C GLN B 295 -13.91 -13.01 5.34
N ASP B 296 -14.58 -12.86 6.50
CA ASP B 296 -14.99 -13.93 7.43
C ASP B 296 -13.91 -14.37 8.42
N PHE B 297 -12.76 -13.69 8.40
CA PHE B 297 -11.68 -13.98 9.37
C PHE B 297 -12.14 -13.24 10.62
N GLN B 298 -12.53 -14.02 11.61
CA GLN B 298 -13.06 -13.51 12.88
C GLN B 298 -12.11 -12.62 13.67
N LEU B 299 -12.63 -11.44 14.04
CA LEU B 299 -11.87 -10.46 14.82
C LEU B 299 -12.07 -10.72 16.30
N LEU B 300 -11.14 -10.25 17.10
CA LEU B 300 -11.17 -10.45 18.55
C LEU B 300 -11.60 -9.22 19.35
N ILE B 301 -12.67 -9.39 20.14
CA ILE B 301 -13.21 -8.32 20.99
C ILE B 301 -13.50 -8.93 22.36
N ASP B 302 -12.87 -8.37 23.40
CA ASP B 302 -13.05 -8.78 24.81
C ASP B 302 -12.86 -10.31 25.02
N GLY B 303 -11.80 -10.84 24.41
CA GLY B 303 -11.49 -12.25 24.50
C GLY B 303 -12.44 -13.19 23.77
N GLN B 304 -13.18 -12.66 22.80
CA GLN B 304 -14.16 -13.42 22.03
C GLN B 304 -14.00 -13.24 20.52
N LYS B 305 -14.23 -14.32 19.78
CA LYS B 305 -14.16 -14.31 18.33
C LYS B 305 -15.50 -13.75 17.82
N CYS B 306 -15.43 -12.78 16.92
CA CYS B 306 -16.61 -12.14 16.36
C CYS B 306 -16.71 -12.29 14.85
N ARG B 307 -17.86 -12.76 14.38
CA ARG B 307 -18.13 -12.97 12.96
C ARG B 307 -18.34 -11.65 12.23
N GLN B 308 -18.03 -11.63 10.93
CA GLN B 308 -18.20 -10.45 10.10
C GLN B 308 -19.64 -10.32 9.61
N VAL B 309 -20.12 -9.08 9.52
CA VAL B 309 -21.46 -8.76 9.03
C VAL B 309 -21.26 -7.94 7.77
N GLY B 310 -21.80 -8.43 6.66
CA GLY B 310 -21.70 -7.74 5.38
C GLY B 310 -20.33 -7.91 4.72
N GLN B 311 -20.00 -6.98 3.83
CA GLN B 311 -18.73 -7.00 3.12
C GLN B 311 -17.76 -5.98 3.71
N ILE B 312 -16.47 -6.19 3.44
CA ILE B 312 -15.43 -5.27 3.90
C ILE B 312 -15.47 -4.12 2.89
N ALA B 313 -15.74 -2.92 3.38
CA ALA B 313 -15.80 -1.72 2.54
C ALA B 313 -14.41 -1.12 2.43
N MSE B 314 -14.30 0.00 1.73
CA MSE B 314 -13.00 0.67 1.52
C MSE B 314 -12.25 1.06 2.77
O MSE B 314 -11.04 0.83 2.86
CB MSE B 314 -13.13 1.84 0.54
CG MSE B 314 -11.80 2.20 -0.11
SE MSE B 314 -11.97 3.57 -1.42
CE MSE B 314 -12.34 2.44 -2.93
N ASP B 315 -12.95 1.62 3.76
CA ASP B 315 -12.31 2.03 5.01
C ASP B 315 -13.12 1.76 6.26
N GLN B 316 -14.15 0.91 6.13
CA GLN B 316 -15.02 0.53 7.24
C GLN B 316 -15.49 -0.91 7.07
N MSE B 317 -15.80 -1.57 8.19
CA MSE B 317 -16.31 -2.94 8.18
C MSE B 317 -17.11 -3.16 9.46
O MSE B 317 -17.03 -2.37 10.41
CB MSE B 317 -15.19 -3.98 8.05
CG MSE B 317 -14.26 -4.08 9.22
SE MSE B 317 -12.98 -5.48 9.03
CE MSE B 317 -14.14 -7.00 9.32
N MSE B 318 -17.92 -4.22 9.46
CA MSE B 318 -18.77 -4.53 10.61
C MSE B 318 -18.56 -5.93 11.15
O MSE B 318 -18.15 -6.84 10.43
CB MSE B 318 -20.25 -4.35 10.27
CG MSE B 318 -20.67 -2.93 10.00
SE MSE B 318 -22.56 -2.83 9.56
CE MSE B 318 -22.52 -3.74 7.86
N VAL B 319 -18.81 -6.09 12.46
CA VAL B 319 -18.70 -7.38 13.15
C VAL B 319 -19.90 -7.60 14.06
N ALA B 320 -20.26 -8.87 14.25
CA ALA B 320 -21.37 -9.26 15.12
C ALA B 320 -20.83 -9.36 16.55
N LEU B 321 -21.49 -8.65 17.46
CA LEU B 321 -21.10 -8.62 18.87
C LEU B 321 -21.98 -9.60 19.67
N PRO B 322 -21.41 -10.26 20.70
CA PRO B 322 -22.20 -11.21 21.52
C PRO B 322 -23.28 -10.53 22.37
N HIS B 323 -23.04 -9.26 22.70
CA HIS B 323 -23.94 -8.41 23.47
C HIS B 323 -23.54 -6.93 23.25
N GLU B 324 -24.15 -6.00 23.99
CA GLU B 324 -23.85 -4.59 23.86
C GLU B 324 -22.45 -4.20 24.35
N TYR B 325 -21.79 -3.38 23.53
CA TYR B 325 -20.47 -2.84 23.80
C TYR B 325 -20.54 -1.35 23.46
N PRO B 326 -19.84 -0.49 24.23
CA PRO B 326 -19.87 0.94 23.93
C PRO B 326 -18.90 1.31 22.80
N ILE B 327 -19.06 2.53 22.28
CA ILE B 327 -18.19 3.07 21.23
C ILE B 327 -16.83 3.26 21.90
N GLY B 328 -15.77 2.85 21.20
CA GLY B 328 -14.42 2.96 21.73
C GLY B 328 -13.88 1.64 22.23
N THR B 329 -14.70 0.58 22.17
CA THR B 329 -14.30 -0.77 22.60
C THR B 329 -13.21 -1.28 21.64
N GLU B 330 -12.08 -1.70 22.21
CA GLU B 330 -10.94 -2.20 21.44
C GLU B 330 -11.24 -3.50 20.66
N VAL B 331 -10.75 -3.53 19.43
CA VAL B 331 -10.89 -4.68 18.53
C VAL B 331 -9.47 -5.08 18.16
N THR B 332 -9.16 -6.37 18.29
CA THR B 332 -7.84 -6.89 17.92
C THR B 332 -8.00 -7.74 16.65
N LEU B 333 -7.34 -7.32 15.58
CA LEU B 333 -7.42 -8.02 14.30
C LEU B 333 -6.30 -9.05 14.16
N ILE B 334 -5.09 -8.64 14.56
CA ILE B 334 -3.91 -9.52 14.56
C ILE B 334 -3.36 -9.33 15.97
N GLY B 335 -3.29 -10.41 16.74
CA GLY B 335 -2.78 -10.36 18.09
C GLY B 335 -3.58 -11.17 19.10
N LYS B 336 -3.30 -10.93 20.38
CA LYS B 336 -3.94 -11.64 21.48
C LYS B 336 -5.08 -10.90 22.18
N SER B 337 -6.07 -11.68 22.61
CA SER B 337 -7.23 -11.19 23.36
C SER B 337 -7.84 -12.39 24.07
N GLY B 338 -7.74 -12.37 25.41
CA GLY B 338 -8.26 -13.46 26.23
C GLY B 338 -7.45 -14.72 26.02
N LYS B 339 -8.13 -15.82 25.70
CA LYS B 339 -7.48 -17.10 25.47
C LYS B 339 -7.14 -17.32 23.99
N TYR B 340 -7.63 -16.42 23.14
CA TYR B 340 -7.43 -16.50 21.69
C TYR B 340 -6.35 -15.61 21.12
N GLU B 341 -5.88 -15.99 19.93
CA GLU B 341 -4.85 -15.25 19.20
C GLU B 341 -5.04 -15.37 17.69
N ASN B 342 -5.02 -14.22 17.02
CA ASN B 342 -5.12 -14.15 15.56
C ASN B 342 -3.70 -13.95 15.06
N THR B 343 -3.17 -14.94 14.36
CA THR B 343 -1.80 -14.89 13.83
C THR B 343 -1.78 -14.65 12.33
N LEU B 344 -0.60 -14.25 11.83
CA LEU B 344 -0.38 -14.02 10.40
C LEU B 344 -0.45 -15.33 9.64
N TYR B 345 0.01 -16.41 10.29
CA TYR B 345 0.00 -17.76 9.70
C TYR B 345 -1.42 -18.22 9.42
N ASP B 346 -2.32 -17.97 10.38
CA ASP B 346 -3.72 -18.34 10.24
C ASP B 346 -4.43 -17.46 9.22
N LEU B 347 -4.00 -16.19 9.13
CA LEU B 347 -4.59 -15.26 8.14
C LEU B 347 -4.15 -15.68 6.73
N HIS B 348 -2.93 -16.23 6.61
CA HIS B 348 -2.41 -16.71 5.32
C HIS B 348 -3.25 -17.92 4.88
N LYS B 349 -3.41 -18.90 5.77
CA LYS B 349 -4.18 -20.11 5.46
C LYS B 349 -5.63 -19.80 5.06
N HIS B 350 -6.18 -18.74 5.66
CA HIS B 350 -7.55 -18.30 5.41
C HIS B 350 -7.70 -17.55 4.08
N SER B 351 -6.74 -16.66 3.81
CA SER B 351 -6.78 -15.79 2.63
C SER B 351 -5.98 -16.16 1.39
N GLY B 352 -4.91 -16.93 1.58
CA GLY B 352 -4.03 -17.30 0.48
C GLY B 352 -2.95 -16.25 0.28
N VAL B 353 -2.90 -15.27 1.18
CA VAL B 353 -1.90 -14.18 1.13
C VAL B 353 -0.77 -14.42 2.14
N PRO B 354 0.48 -14.64 1.67
CA PRO B 354 1.66 -14.87 2.52
C PRO B 354 1.85 -13.77 3.58
N PRO B 355 2.38 -14.10 4.79
CA PRO B 355 2.60 -13.12 5.87
C PRO B 355 3.29 -11.82 5.49
N TRP B 356 4.35 -11.92 4.69
CA TRP B 356 5.10 -10.74 4.24
C TRP B 356 4.27 -9.87 3.28
N LYS B 357 3.36 -10.50 2.53
CA LYS B 357 2.47 -9.77 1.62
C LYS B 357 1.31 -9.14 2.38
N ILE B 358 0.91 -9.75 3.50
CA ILE B 358 -0.17 -9.22 4.36
C ILE B 358 0.31 -7.92 5.00
N THR B 359 1.51 -7.97 5.60
CA THR B 359 2.06 -6.81 6.28
C THR B 359 2.44 -5.67 5.34
N VAL B 360 2.98 -6.00 4.16
CA VAL B 360 3.37 -4.98 3.16
C VAL B 360 2.13 -4.22 2.64
N ALA B 361 1.00 -4.93 2.58
CA ALA B 361 -0.26 -4.37 2.11
C ALA B 361 -0.94 -3.41 3.09
N PHE B 362 -0.47 -3.38 4.34
CA PHE B 362 -1.03 -2.47 5.35
C PHE B 362 -0.64 -1.06 4.93
N SER B 363 -1.64 -0.22 4.71
CA SER B 363 -1.46 1.15 4.26
C SER B 363 -0.47 1.93 5.10
N ASP B 364 0.45 2.59 4.41
CA ASP B 364 1.48 3.41 5.02
C ASP B 364 0.90 4.63 5.75
N ARG B 365 -0.41 4.81 5.57
CA ARG B 365 -1.17 5.89 6.20
C ARG B 365 -1.69 5.51 7.59
N LEU B 366 -1.80 4.20 7.84
CA LEU B 366 -2.25 3.68 9.15
C LEU B 366 -1.34 4.14 10.27
N LYS B 367 -1.93 4.47 11.41
CA LYS B 367 -1.21 4.93 12.59
C LYS B 367 -0.27 3.81 13.07
N ARG B 368 1.00 4.16 13.26
CA ARG B 368 2.01 3.20 13.71
C ARG B 368 2.72 3.71 14.95
N MSE B 369 2.88 2.83 15.93
CA MSE B 369 3.55 3.15 17.19
C MSE B 369 4.41 1.99 17.68
O MSE B 369 4.27 0.86 17.20
CB MSE B 369 2.53 3.53 18.27
CG MSE B 369 1.43 2.52 18.46
SE MSE B 369 0.25 3.00 19.90
CE MSE B 369 -0.51 4.57 19.13
N VAL B 370 5.34 2.30 18.58
CA VAL B 370 6.24 1.31 19.18
C VAL B 370 5.80 1.12 20.64
N VAL B 371 5.61 -0.13 21.04
CA VAL B 371 5.23 -0.47 22.42
C VAL B 371 6.36 -1.22 23.13
N1 PLP C . -20.94 7.77 -0.18
C2 PLP C . -20.32 7.16 0.92
C2A PLP C . -20.97 7.30 2.33
C3 PLP C . -19.12 6.42 0.70
O3 PLP C . -18.49 5.82 1.79
C4 PLP C . -18.56 6.33 -0.64
C4A PLP C . -17.25 5.46 -0.90
C5 PLP C . -19.24 6.98 -1.73
C6 PLP C . -20.40 7.67 -1.47
C5A PLP C . -18.79 6.94 -3.25
O4P PLP C . -19.16 5.56 -3.68
P PLP C . -18.84 5.22 -5.28
O1P PLP C . -19.39 6.33 -6.06
O2P PLP C . -19.50 3.90 -5.84
O3P PLP C . -17.38 4.98 -5.38
N1 PLP D . 18.39 -9.51 0.23
C2 PLP D . 17.77 -8.88 -0.86
C2A PLP D . 18.63 -8.51 -2.11
C3 PLP D . 16.38 -8.60 -0.79
O3 PLP D . 15.75 -7.99 -1.85
C4 PLP D . 15.62 -8.96 0.39
C4A PLP D . 14.08 -8.62 0.46
C5 PLP D . 16.29 -9.62 1.48
C6 PLP D . 17.66 -9.88 1.37
C5A PLP D . 15.60 -10.14 2.82
O4P PLP D . 14.79 -11.31 2.34
P PLP D . 13.95 -12.10 3.53
O1P PLP D . 14.93 -12.41 4.59
O2P PLP D . 13.31 -13.48 3.11
O3P PLP D . 12.80 -11.25 3.92
#